data_7FC6
#
_entry.id   7FC6
#
_cell.length_a   57.963
_cell.length_b   126.314
_cell.length_c   171.637
_cell.angle_alpha   90.000
_cell.angle_beta   90.000
_cell.angle_gamma   90.000
#
_symmetry.space_group_name_H-M   'P 21 21 21'
#
loop_
_entity.id
_entity.type
_entity.pdbx_description
1 polymer 'Angiotensin-converting enzyme'
2 polymer 'Spike protein S1'
3 branched 2-acetamido-2-deoxy-beta-D-glucopyranose-(1-4)-2-acetamido-2-deoxy-beta-D-glucopyranose
4 non-polymer 2-acetamido-2-deoxy-beta-D-glucopyranose
5 water water
#
loop_
_entity_poly.entity_id
_entity_poly.type
_entity_poly.pdbx_seq_one_letter_code
_entity_poly.pdbx_strand_id
1 'polypeptide(L)'
;STTEDLAKTFLEKFNSEAEELSHQSSLASWSYNTNITDENVQKMNEAGARWSAFYEEQCKLAKTYPLEEIQNLTVKRQLQ
ALQQSGSSVLSADKSKRLNEILNTMSTIYSTGKVCNPSNPQECLLLEPGLDAIMENSKDYNQRLWAWEGWRSEVGKQLRP
LYEEYVVLKNEMARANNYEDYGDYWRGDYEAEGPSGYDYSRDQLIEDVERTFAEIKPLYEHLHAYVRAKLMDTYPSHINP
TGCLPAHLLGDMWGRFWTNLYSLTVPFGQKPNIDVTDAMVDQSWDAKRIFEEAEKFFVSVGLPNMTQGFWENSMLTEPGD
GRKVVCHPTAWDLGKGDFRIKMCTKVTMDDFLTAHHEMGHIQYDMAYAVQPYLLRNGANEGFHEAVGEIMSLSAATPNHL
KAIGLLPPDFYEDSETEINFLLKQALTIVGTLPFTYMLEKWRWMVFKGEIPKEEWMKKWWEMKREIVGVVEPVPHDETYC
DPAALFHVANDYSFIRYYTRTIYQFQFQEALCQTAKHEGPLHKCDISNSTEAGQKLLQMLSLGKSEPWTLALERIVGVKN
MDVRPLLNYFEPLFTWLKDQNKNSFVGWSTNWSPYAD
;
A
2 'polypeptide(L)'
;NLCPFGEVFNATKFPSVYAWERKKISNCVADYSVLYNSTFFSTFKCYGVSATKLNDLCFSNVYADSFVVKGDDVRQIAPG
QTGVIADYNYKLPDDFMGCVLAWNTRNIDATSTGNYNYKYRYLRHGKLRPFERDISNVPFSPDGKPCTPPALNCYWPLND
YGFYTTTGIGYQPYRVVVLSFELLNAPATVCG
;
S
#
# COMPACT_ATOMS: atom_id res chain seq x y z
N SER A 1 -0.25 38.42 2.63
CA SER A 1 0.40 38.00 1.41
C SER A 1 -0.59 37.41 0.40
N THR A 2 -0.05 36.73 -0.60
CA THR A 2 -0.85 36.04 -1.60
C THR A 2 -1.63 34.89 -0.96
N THR A 3 -2.81 34.61 -1.51
CA THR A 3 -3.52 33.41 -1.07
C THR A 3 -2.72 32.14 -1.34
N GLU A 4 -1.80 32.18 -2.30
CA GLU A 4 -0.91 31.04 -2.53
C GLU A 4 0.11 30.89 -1.42
N ASP A 5 0.69 32.00 -0.96
CA ASP A 5 1.64 31.95 0.13
C ASP A 5 0.99 31.53 1.45
N LEU A 6 -0.26 31.95 1.69
CA LEU A 6 -0.96 31.54 2.91
C LEU A 6 -1.25 30.05 2.90
N ALA A 7 -1.56 29.49 1.73
CA ALA A 7 -1.92 28.08 1.69
C ALA A 7 -0.69 27.19 1.72
N LYS A 8 0.43 27.65 1.17
CA LYS A 8 1.68 26.90 1.32
C LYS A 8 2.06 26.79 2.78
N THR A 9 1.90 27.87 3.55
CA THR A 9 2.26 27.75 4.96
C THR A 9 1.20 26.93 5.70
N PHE A 10 -0.08 27.10 5.35
CA PHE A 10 -1.12 26.24 5.90
C PHE A 10 -0.83 24.75 5.65
N LEU A 11 -0.41 24.42 4.43
CA LEU A 11 -0.09 23.03 4.13
C LEU A 11 1.08 22.54 4.97
N GLU A 12 2.11 23.38 5.16
CA GLU A 12 3.27 22.98 5.96
C GLU A 12 2.89 22.71 7.40
N LYS A 13 1.99 23.53 7.97
CA LYS A 13 1.37 23.18 9.26
C LYS A 13 0.68 21.84 9.17
N PHE A 14 -0.16 21.67 8.16
CA PHE A 14 -0.92 20.43 8.06
C PHE A 14 0.01 19.23 8.00
N ASN A 15 1.07 19.30 7.18
CA ASN A 15 1.92 18.13 6.96
C ASN A 15 2.58 17.67 8.24
N SER A 16 2.94 18.59 9.11
CA SER A 16 3.68 18.22 10.30
C SER A 16 2.79 17.62 11.38
N GLU A 17 1.55 18.09 11.52
CA GLU A 17 0.69 17.48 12.52
C GLU A 17 0.12 16.16 12.01
N ALA A 18 -0.23 16.10 10.73
CA ALA A 18 -0.79 14.88 10.16
C ALA A 18 0.23 13.73 10.20
N GLU A 19 1.48 14.00 9.83
CA GLU A 19 2.50 12.96 9.92
C GLU A 19 2.49 12.30 11.29
N GLU A 20 2.30 13.07 12.35
CA GLU A 20 2.28 12.52 13.70
C GLU A 20 1.00 11.74 13.97
N LEU A 21 -0.15 12.37 13.68
CA LEU A 21 -1.43 11.76 14.04
C LEU A 21 -1.71 10.51 13.20
N SER A 22 -1.33 10.53 11.91
CA SER A 22 -1.58 9.35 11.09
C SER A 22 -0.61 8.23 11.43
N HIS A 23 0.60 8.58 11.89
CA HIS A 23 1.52 7.55 12.34
C HIS A 23 0.99 6.84 13.57
N GLN A 24 0.47 7.61 14.55
CA GLN A 24 -0.06 6.97 15.76
C GLN A 24 -1.28 6.12 15.43
N SER A 25 -2.11 6.58 14.50
CA SER A 25 -3.25 5.79 14.03
C SER A 25 -2.78 4.49 13.36
N SER A 26 -1.85 4.60 12.43
CA SER A 26 -1.31 3.39 11.80
C SER A 26 -0.76 2.41 12.82
N LEU A 27 0.01 2.90 13.81
CA LEU A 27 0.56 2.02 14.82
C LEU A 27 -0.54 1.33 15.61
N ALA A 28 -1.58 2.09 16.00
CA ALA A 28 -2.66 1.52 16.78
C ALA A 28 -3.47 0.49 15.97
N SER A 29 -3.64 0.75 14.66
CA SER A 29 -4.26 -0.25 13.78
C SER A 29 -3.39 -1.49 13.64
N TRP A 30 -2.08 -1.33 13.48
CA TRP A 30 -1.20 -2.48 13.36
C TRP A 30 -1.30 -3.39 14.58
N SER A 31 -1.32 -2.82 15.79
CA SER A 31 -1.33 -3.71 16.94
C SER A 31 -2.67 -4.44 17.04
N TYR A 32 -3.78 -3.79 16.68
CA TYR A 32 -5.04 -4.51 16.64
C TYR A 32 -5.00 -5.63 15.60
N ASN A 33 -4.58 -5.31 14.36
CA ASN A 33 -4.57 -6.29 13.28
C ASN A 33 -3.58 -7.43 13.51
N THR A 34 -2.61 -7.22 14.39
CA THR A 34 -1.54 -8.16 14.67
C THR A 34 -1.75 -8.81 16.02
N ASN A 35 -2.84 -8.45 16.70
CA ASN A 35 -3.03 -8.78 18.11
C ASN A 35 -4.40 -8.26 18.55
N ILE A 36 -5.46 -8.90 18.05
CA ILE A 36 -6.87 -8.59 18.33
C ILE A 36 -7.16 -8.74 19.82
N THR A 37 -7.31 -7.60 20.50
CA THR A 37 -7.59 -7.49 21.92
C THR A 37 -8.55 -6.34 22.12
N ASP A 38 -9.46 -6.48 23.10
CA ASP A 38 -10.31 -5.37 23.53
C ASP A 38 -9.52 -4.10 23.78
N GLU A 39 -8.47 -4.18 24.59
CA GLU A 39 -7.59 -3.02 24.79
C GLU A 39 -7.09 -2.43 23.48
N ASN A 40 -6.72 -3.28 22.51
CA ASN A 40 -6.21 -2.74 21.26
C ASN A 40 -7.30 -2.22 20.34
N VAL A 41 -8.54 -2.70 20.49
CA VAL A 41 -9.68 -2.13 19.75
C VAL A 41 -9.98 -0.72 20.23
N GLN A 42 -10.02 -0.53 21.56
CA GLN A 42 -10.20 0.81 22.10
C GLN A 42 -9.07 1.74 21.67
N LYS A 43 -7.81 1.29 21.81
CA LYS A 43 -6.67 2.09 21.37
C LYS A 43 -6.75 2.42 19.90
N MET A 44 -7.22 1.47 19.08
CA MET A 44 -7.35 1.76 17.66
C MET A 44 -8.44 2.80 17.42
N ASN A 45 -9.60 2.63 18.04
CA ASN A 45 -10.71 3.55 17.83
C ASN A 45 -10.36 4.98 18.25
N GLU A 46 -9.62 5.13 19.36
CA GLU A 46 -9.24 6.46 19.85
C GLU A 46 -8.27 7.17 18.92
N ALA A 47 -7.20 6.48 18.51
CA ALA A 47 -6.22 7.10 17.62
C ALA A 47 -6.85 7.50 16.30
N GLY A 48 -7.83 6.71 15.81
CA GLY A 48 -8.56 7.08 14.61
C GLY A 48 -9.58 8.16 14.81
N ALA A 49 -10.12 8.27 16.03
CA ALA A 49 -10.94 9.43 16.37
C ALA A 49 -10.11 10.72 16.38
N ARG A 50 -8.88 10.69 16.92
CA ARG A 50 -8.03 11.87 16.84
C ARG A 50 -7.67 12.20 15.39
N TRP A 51 -7.41 11.17 14.56
CA TRP A 51 -7.05 11.44 13.17
C TRP A 51 -8.24 11.99 12.39
N SER A 52 -9.42 11.40 12.59
CA SER A 52 -10.62 11.90 11.93
C SER A 52 -10.96 13.32 12.39
N ALA A 53 -10.87 13.62 13.69
CA ALA A 53 -11.20 14.95 14.17
C ALA A 53 -10.27 16.01 13.58
N PHE A 54 -8.95 15.81 13.71
CA PHE A 54 -7.97 16.60 12.97
C PHE A 54 -8.39 16.76 11.51
N TYR A 55 -8.46 15.63 10.78
CA TYR A 55 -8.63 15.70 9.33
C TYR A 55 -9.82 16.56 8.93
N GLU A 56 -10.90 16.52 9.70
CA GLU A 56 -12.10 17.23 9.29
C GLU A 56 -11.99 18.72 9.57
N GLU A 57 -11.35 19.09 10.68
CA GLU A 57 -11.13 20.51 10.93
C GLU A 57 -10.20 21.12 9.89
N GLN A 58 -9.22 20.35 9.41
CA GLN A 58 -8.32 20.87 8.38
C GLN A 58 -9.02 21.00 7.03
N CYS A 59 -9.98 20.12 6.73
CA CYS A 59 -10.78 20.26 5.52
C CYS A 59 -11.55 21.59 5.52
N LYS A 60 -12.23 21.89 6.62
CA LYS A 60 -12.95 23.16 6.72
C LYS A 60 -11.99 24.34 6.53
N LEU A 61 -10.86 24.31 7.23
CA LEU A 61 -9.89 25.40 7.08
C LEU A 61 -9.36 25.52 5.67
N ALA A 62 -9.21 24.39 4.95
CA ALA A 62 -8.65 24.44 3.60
C ALA A 62 -9.53 25.21 2.65
N LYS A 63 -10.84 25.29 2.93
CA LYS A 63 -11.78 25.95 2.03
C LYS A 63 -11.58 27.46 1.99
N THR A 64 -11.05 28.04 3.08
CA THR A 64 -10.81 29.47 3.09
C THR A 64 -9.68 29.88 2.16
N TYR A 65 -8.93 28.91 1.64
CA TYR A 65 -7.93 29.15 0.62
C TYR A 65 -8.52 28.72 -0.72
N PRO A 66 -9.18 29.63 -1.46
CA PRO A 66 -9.95 29.21 -2.62
C PRO A 66 -9.05 28.80 -3.78
N LEU A 67 -9.43 27.70 -4.44
CA LEU A 67 -8.57 27.07 -5.44
C LEU A 67 -8.23 28.02 -6.58
N GLU A 68 -9.18 28.84 -7.02
CA GLU A 68 -8.99 29.66 -8.22
C GLU A 68 -7.84 30.67 -8.08
N GLU A 69 -7.42 30.99 -6.86
CA GLU A 69 -6.43 32.05 -6.65
C GLU A 69 -5.01 31.52 -6.42
N ILE A 70 -4.77 30.22 -6.62
CA ILE A 70 -3.44 29.64 -6.51
C ILE A 70 -3.01 29.19 -7.90
N GLN A 71 -1.72 29.37 -8.20
CA GLN A 71 -1.19 29.16 -9.53
C GLN A 71 -0.18 28.02 -9.63
N ASN A 72 0.21 27.40 -8.50
CA ASN A 72 1.17 26.31 -8.47
C ASN A 72 0.38 25.01 -8.33
N LEU A 73 0.51 24.14 -9.34
CA LEU A 73 -0.37 22.98 -9.43
C LEU A 73 -0.17 22.03 -8.26
N THR A 74 1.05 21.95 -7.72
CA THR A 74 1.32 21.04 -6.61
C THR A 74 0.55 21.46 -5.36
N VAL A 75 0.57 22.74 -5.01
CA VAL A 75 -0.24 23.19 -3.89
C VAL A 75 -1.72 23.04 -4.23
N LYS A 76 -2.10 23.39 -5.46
CA LYS A 76 -3.50 23.31 -5.84
C LYS A 76 -4.00 21.90 -5.70
N ARG A 77 -3.16 20.92 -6.04
CA ARG A 77 -3.60 19.54 -5.92
C ARG A 77 -3.61 19.08 -4.46
N GLN A 78 -2.68 19.58 -3.64
CA GLN A 78 -2.69 19.23 -2.22
C GLN A 78 -3.96 19.70 -1.54
N LEU A 79 -4.41 20.92 -1.89
CA LEU A 79 -5.63 21.47 -1.32
C LEU A 79 -6.88 20.73 -1.79
N GLN A 80 -6.87 20.24 -3.04
CA GLN A 80 -8.05 19.54 -3.55
C GLN A 80 -8.36 18.28 -2.74
N ALA A 81 -7.31 17.53 -2.35
CA ALA A 81 -7.52 16.34 -1.54
C ALA A 81 -8.11 16.67 -0.18
N LEU A 82 -7.89 17.91 0.29
CA LEU A 82 -8.40 18.36 1.57
C LEU A 82 -9.81 18.94 1.51
N GLN A 83 -10.38 19.16 0.32
CA GLN A 83 -11.64 19.90 0.24
C GLN A 83 -12.84 19.07 0.68
N GLN A 84 -12.83 17.77 0.39
CA GLN A 84 -13.96 16.89 0.71
C GLN A 84 -13.58 16.04 1.91
N SER A 85 -14.33 16.19 3.01
CA SER A 85 -14.07 15.43 4.22
C SER A 85 -14.70 14.04 4.13
N GLY A 86 -15.01 13.45 5.27
CA GLY A 86 -15.63 12.14 5.32
C GLY A 86 -16.83 12.08 6.23
N SER A 87 -16.81 11.14 7.18
CA SER A 87 -17.95 10.86 8.06
C SER A 87 -18.14 11.91 9.16
N SER A 88 -17.27 12.92 9.21
CA SER A 88 -17.40 13.96 10.23
C SER A 88 -18.72 14.69 10.11
N VAL A 89 -19.23 14.84 8.89
CA VAL A 89 -20.42 15.63 8.59
C VAL A 89 -21.67 14.99 9.21
N LEU A 90 -21.47 13.88 9.89
CA LEU A 90 -22.62 13.20 10.51
C LEU A 90 -22.76 13.63 11.96
N SER A 91 -23.99 13.54 12.46
CA SER A 91 -24.35 13.71 13.87
C SER A 91 -23.41 12.90 14.74
N ALA A 92 -23.11 13.38 15.93
CA ALA A 92 -22.14 12.63 16.74
C ALA A 92 -22.74 11.26 17.06
N ASP A 93 -24.00 11.23 17.48
CA ASP A 93 -24.65 9.92 17.65
C ASP A 93 -24.58 9.12 16.37
N LYS A 94 -24.79 9.78 15.23
CA LYS A 94 -24.90 9.07 13.97
C LYS A 94 -23.56 8.48 13.55
N SER A 95 -22.50 9.27 13.64
CA SER A 95 -21.17 8.74 13.35
C SER A 95 -20.69 7.78 14.44
N LYS A 96 -21.27 7.86 15.65
CA LYS A 96 -21.01 6.86 16.68
C LYS A 96 -21.50 5.50 16.22
N ARG A 97 -22.77 5.43 15.78
CA ARG A 97 -23.36 4.17 15.38
C ARG A 97 -22.66 3.59 14.14
N LEU A 98 -22.26 4.43 13.18
CA LEU A 98 -21.58 3.91 12.00
C LEU A 98 -20.20 3.36 12.33
N ASN A 99 -19.52 3.97 13.28
CA ASN A 99 -18.19 3.41 13.62
C ASN A 99 -18.41 2.09 14.36
N GLU A 100 -19.49 1.98 15.13
CA GLU A 100 -19.80 0.72 15.80
C GLU A 100 -20.11 -0.38 14.78
N ILE A 101 -20.95 -0.07 13.79
CA ILE A 101 -21.28 -1.02 12.74
C ILE A 101 -20.02 -1.54 12.05
N LEU A 102 -19.08 -0.64 11.72
CA LEU A 102 -17.89 -1.09 11.01
C LEU A 102 -17.00 -1.98 11.87
N ASN A 103 -16.99 -1.76 13.19
CA ASN A 103 -16.17 -2.59 14.06
C ASN A 103 -16.81 -3.95 14.29
N THR A 104 -18.14 -3.98 14.43
CA THR A 104 -18.86 -5.24 14.55
C THR A 104 -18.73 -6.05 13.27
N MET A 105 -19.04 -5.44 12.11
CA MET A 105 -18.96 -6.16 10.84
C MET A 105 -17.58 -6.77 10.64
N SER A 106 -16.52 -6.03 11.04
CA SER A 106 -15.18 -6.54 10.84
C SER A 106 -14.85 -7.71 11.77
N THR A 107 -15.39 -7.72 13.00
CA THR A 107 -15.03 -8.79 13.92
C THR A 107 -15.99 -9.96 13.85
N ILE A 108 -17.25 -9.75 13.48
CA ILE A 108 -18.08 -10.86 13.00
C ILE A 108 -17.34 -11.65 11.92
N TYR A 109 -16.76 -10.95 10.94
CA TYR A 109 -16.10 -11.64 9.84
C TYR A 109 -14.86 -12.37 10.30
N SER A 110 -14.11 -11.87 11.27
CA SER A 110 -12.85 -12.50 11.63
C SER A 110 -12.97 -13.41 12.83
N THR A 111 -14.16 -13.54 13.40
CA THR A 111 -14.40 -14.35 14.57
C THR A 111 -15.44 -15.40 14.27
N GLY A 112 -16.04 -15.32 13.09
CA GLY A 112 -17.10 -16.24 12.73
C GLY A 112 -16.60 -17.67 12.62
N LYS A 113 -17.40 -18.58 13.14
CA LYS A 113 -17.16 -20.01 13.10
C LYS A 113 -18.42 -20.67 12.57
N VAL A 114 -18.25 -21.68 11.72
CA VAL A 114 -19.34 -22.57 11.36
C VAL A 114 -18.94 -23.97 11.75
N CYS A 115 -19.89 -24.70 12.32
CA CYS A 115 -19.64 -25.94 13.03
C CYS A 115 -20.13 -27.10 12.15
N ASN A 116 -19.40 -28.21 12.19
CA ASN A 116 -19.78 -29.38 11.40
C ASN A 116 -21.05 -29.99 11.99
N PRO A 117 -22.07 -30.27 11.18
CA PRO A 117 -23.23 -30.99 11.72
C PRO A 117 -22.84 -32.37 12.22
N SER A 118 -22.13 -33.15 11.40
CA SER A 118 -21.74 -34.49 11.80
C SER A 118 -20.82 -34.49 13.01
N ASN A 119 -20.01 -33.44 13.20
CA ASN A 119 -19.18 -33.28 14.38
C ASN A 119 -19.43 -31.91 14.98
N PRO A 120 -20.33 -31.81 15.97
CA PRO A 120 -20.65 -30.49 16.55
C PRO A 120 -19.54 -29.88 17.39
N GLN A 121 -18.48 -30.62 17.71
CA GLN A 121 -17.38 -30.06 18.49
C GLN A 121 -16.34 -29.37 17.59
N GLU A 122 -16.26 -29.79 16.33
CA GLU A 122 -15.29 -29.21 15.37
C GLU A 122 -15.89 -27.93 14.80
N CYS A 123 -15.37 -26.79 15.25
CA CYS A 123 -15.86 -25.50 14.82
C CYS A 123 -14.71 -24.80 14.12
N LEU A 124 -14.96 -24.26 12.92
CA LEU A 124 -13.92 -23.77 12.05
C LEU A 124 -14.06 -22.28 11.81
N LEU A 125 -12.95 -21.57 11.91
CA LEU A 125 -12.92 -20.21 11.40
C LEU A 125 -12.81 -20.23 9.88
N LEU A 126 -13.02 -19.07 9.28
CA LEU A 126 -12.72 -18.91 7.87
C LEU A 126 -11.24 -19.20 7.59
N GLU A 127 -10.36 -18.45 8.24
CA GLU A 127 -8.92 -18.60 8.04
C GLU A 127 -8.27 -19.03 9.36
N PRO A 128 -7.54 -20.15 9.41
CA PRO A 128 -7.47 -21.18 8.37
C PRO A 128 -8.60 -22.15 8.62
N GLY A 129 -9.04 -22.90 7.63
CA GLY A 129 -10.02 -23.91 7.97
C GLY A 129 -11.14 -24.09 6.98
N LEU A 130 -12.07 -23.13 6.95
CA LEU A 130 -13.05 -23.11 5.88
C LEU A 130 -12.37 -22.85 4.55
N ASP A 131 -11.34 -22.02 4.56
CA ASP A 131 -10.62 -21.72 3.32
C ASP A 131 -9.89 -22.94 2.82
N ALA A 132 -9.33 -23.74 3.73
CA ALA A 132 -8.63 -24.95 3.33
C ALA A 132 -9.56 -25.92 2.59
N ILE A 133 -10.80 -26.07 3.10
CA ILE A 133 -11.81 -26.85 2.39
C ILE A 133 -12.10 -26.26 1.02
N MET A 134 -12.39 -24.96 0.98
CA MET A 134 -12.80 -24.34 -0.28
C MET A 134 -11.67 -24.28 -1.31
N GLU A 135 -10.43 -24.61 -0.94
CA GLU A 135 -9.33 -24.59 -1.90
C GLU A 135 -8.86 -25.98 -2.29
N ASN A 136 -8.97 -26.97 -1.41
CA ASN A 136 -8.34 -28.27 -1.65
C ASN A 136 -9.31 -29.44 -1.62
N SER A 137 -10.57 -29.20 -1.33
CA SER A 137 -11.51 -30.29 -1.20
C SER A 137 -12.09 -30.60 -2.56
N LYS A 138 -12.40 -31.87 -2.78
CA LYS A 138 -13.08 -32.27 -4.02
C LYS A 138 -14.43 -32.93 -3.76
N ASP A 139 -14.94 -32.87 -2.53
CA ASP A 139 -16.23 -33.46 -2.19
C ASP A 139 -17.32 -32.39 -2.27
N TYR A 140 -18.33 -32.64 -3.10
CA TYR A 140 -19.43 -31.69 -3.24
C TYR A 140 -20.07 -31.38 -1.89
N ASN A 141 -20.22 -32.39 -1.02
CA ASN A 141 -20.94 -32.13 0.22
C ASN A 141 -20.09 -31.32 1.19
N GLN A 142 -18.81 -31.66 1.31
CA GLN A 142 -17.93 -30.94 2.23
C GLN A 142 -17.86 -29.46 1.86
N ARG A 143 -17.70 -29.16 0.56
CA ARG A 143 -17.61 -27.77 0.14
C ARG A 143 -18.95 -27.06 0.35
N LEU A 144 -20.06 -27.74 0.04
CA LEU A 144 -21.39 -27.13 0.22
C LEU A 144 -21.63 -26.79 1.68
N TRP A 145 -21.28 -27.71 2.58
CA TRP A 145 -21.40 -27.42 4.00
C TRP A 145 -20.64 -26.15 4.38
N ALA A 146 -19.40 -26.02 3.91
CA ALA A 146 -18.61 -24.85 4.25
C ALA A 146 -19.17 -23.60 3.60
N TRP A 147 -19.52 -23.70 2.32
CA TRP A 147 -20.01 -22.54 1.58
C TRP A 147 -21.32 -22.02 2.19
N GLU A 148 -22.28 -22.92 2.39
CA GLU A 148 -23.56 -22.54 2.92
C GLU A 148 -23.44 -22.17 4.39
N GLY A 149 -22.64 -22.92 5.14
CA GLY A 149 -22.48 -22.64 6.55
C GLY A 149 -21.85 -21.29 6.82
N TRP A 150 -20.97 -20.84 5.91
CA TRP A 150 -20.40 -19.50 6.03
C TRP A 150 -21.44 -18.43 5.75
N ARG A 151 -22.19 -18.56 4.66
CA ARG A 151 -23.15 -17.53 4.32
C ARG A 151 -24.33 -17.52 5.29
N SER A 152 -24.53 -18.63 6.00
CA SER A 152 -25.62 -18.78 6.93
C SER A 152 -25.25 -18.35 8.35
N GLU A 153 -24.03 -18.61 8.81
CA GLU A 153 -23.65 -18.17 10.15
C GLU A 153 -23.26 -16.70 10.18
N VAL A 154 -22.32 -16.25 9.34
CA VAL A 154 -21.92 -14.85 9.47
C VAL A 154 -22.66 -13.97 8.47
N GLY A 155 -23.01 -14.51 7.31
CA GLY A 155 -23.84 -13.74 6.40
C GLY A 155 -25.13 -13.26 7.06
N LYS A 156 -25.80 -14.15 7.80
CA LYS A 156 -27.09 -13.80 8.39
C LYS A 156 -26.94 -12.75 9.50
N GLN A 157 -25.83 -12.77 10.23
CA GLN A 157 -25.60 -11.75 11.25
C GLN A 157 -25.34 -10.39 10.62
N LEU A 158 -24.55 -10.37 9.54
CA LEU A 158 -24.17 -9.13 8.88
C LEU A 158 -25.34 -8.44 8.19
N ARG A 159 -26.41 -9.17 7.86
CA ARG A 159 -27.50 -8.56 7.08
C ARG A 159 -28.11 -7.33 7.75
N PRO A 160 -28.60 -7.41 9.00
CA PRO A 160 -29.13 -6.16 9.62
C PRO A 160 -28.09 -5.05 9.73
N LEU A 161 -26.82 -5.39 9.93
CA LEU A 161 -25.78 -4.38 10.00
C LEU A 161 -25.54 -3.73 8.64
N TYR A 162 -25.60 -4.51 7.56
CA TYR A 162 -25.36 -3.96 6.24
C TYR A 162 -26.45 -2.97 5.84
N GLU A 163 -27.69 -3.24 6.24
CA GLU A 163 -28.77 -2.31 5.93
C GLU A 163 -28.55 -0.95 6.59
N GLU A 164 -28.21 -0.94 7.89
CA GLU A 164 -27.88 0.33 8.53
C GLU A 164 -26.67 0.97 7.89
N TYR A 165 -25.76 0.16 7.36
CA TYR A 165 -24.52 0.69 6.82
C TYR A 165 -24.77 1.51 5.56
N VAL A 166 -25.64 1.02 4.67
CA VAL A 166 -25.87 1.78 3.43
C VAL A 166 -26.65 3.06 3.73
N VAL A 167 -27.60 3.02 4.65
CA VAL A 167 -28.36 4.22 4.89
C VAL A 167 -27.47 5.32 5.47
N LEU A 168 -26.51 4.95 6.31
CA LEU A 168 -25.63 5.94 6.93
C LEU A 168 -24.51 6.36 5.99
N LYS A 169 -23.93 5.39 5.28
CA LYS A 169 -22.89 5.73 4.31
C LYS A 169 -23.44 6.62 3.21
N ASN A 170 -24.67 6.38 2.76
CA ASN A 170 -25.29 7.26 1.78
C ASN A 170 -25.61 8.65 2.38
N GLU A 171 -25.99 8.70 3.65
CA GLU A 171 -26.25 9.98 4.27
C GLU A 171 -24.97 10.81 4.39
N MET A 172 -23.82 10.13 4.51
CA MET A 172 -22.53 10.81 4.58
C MET A 172 -22.05 11.25 3.19
N ALA A 173 -22.37 10.47 2.17
CA ALA A 173 -22.04 10.84 0.81
C ALA A 173 -22.86 12.04 0.35
N ARG A 174 -24.18 12.00 0.55
CA ARG A 174 -25.02 13.10 0.09
C ARG A 174 -24.72 14.38 0.86
N ALA A 175 -24.37 14.27 2.14
CA ALA A 175 -23.96 15.44 2.91
C ALA A 175 -22.68 16.05 2.37
N ASN A 176 -21.88 15.29 1.63
CA ASN A 176 -20.69 15.81 0.98
C ASN A 176 -20.93 16.12 -0.50
N ASN A 177 -22.19 16.19 -0.93
CA ASN A 177 -22.57 16.59 -2.29
C ASN A 177 -22.28 15.53 -3.34
N TYR A 178 -22.18 14.25 -2.93
CA TYR A 178 -22.18 13.13 -3.86
C TYR A 178 -23.58 12.57 -3.97
N GLU A 179 -23.86 11.89 -5.09
CA GLU A 179 -25.17 11.28 -5.27
C GLU A 179 -25.42 10.19 -4.23
N ASP A 180 -24.42 9.34 -4.01
CA ASP A 180 -24.52 8.20 -3.11
C ASP A 180 -23.11 7.75 -2.74
N TYR A 181 -23.03 6.77 -1.83
CA TYR A 181 -21.72 6.27 -1.43
C TYR A 181 -20.99 5.61 -2.59
N GLY A 182 -21.70 5.06 -3.56
CA GLY A 182 -21.02 4.50 -4.73
C GLY A 182 -20.39 5.59 -5.58
N ASP A 183 -21.14 6.68 -5.84
CA ASP A 183 -20.57 7.86 -6.50
C ASP A 183 -19.31 8.35 -5.76
N TYR A 184 -19.40 8.46 -4.42
CA TYR A 184 -18.24 8.82 -3.62
C TYR A 184 -17.04 7.90 -3.92
N TRP A 185 -17.27 6.58 -3.95
CA TRP A 185 -16.16 5.66 -4.23
C TRP A 185 -15.58 5.88 -5.64
N ARG A 186 -16.43 6.16 -6.62
CA ARG A 186 -15.90 6.38 -7.97
C ARG A 186 -15.11 7.67 -8.07
N GLY A 187 -15.21 8.55 -7.07
CA GLY A 187 -14.44 9.78 -7.08
C GLY A 187 -12.95 9.56 -7.18
N ASP A 188 -12.47 8.39 -6.77
CA ASP A 188 -11.04 8.10 -6.82
C ASP A 188 -10.48 8.21 -8.23
N TYR A 189 -11.29 7.92 -9.24
CA TYR A 189 -10.88 8.02 -10.63
C TYR A 189 -11.11 9.41 -11.21
N GLU A 190 -11.63 10.32 -10.40
CA GLU A 190 -11.93 11.67 -10.94
C GLU A 190 -10.64 12.44 -11.18
N ALA A 191 -10.53 13.04 -12.35
CA ALA A 191 -9.32 13.78 -12.72
C ALA A 191 -9.75 15.08 -13.38
N GLU A 192 -9.29 16.20 -12.83
CA GLU A 192 -9.69 17.52 -13.36
C GLU A 192 -8.42 18.22 -13.82
N GLY A 193 -7.29 17.54 -13.66
CA GLY A 193 -5.99 18.16 -13.99
C GLY A 193 -5.85 18.46 -15.45
N PRO A 194 -4.88 19.29 -15.87
CA PRO A 194 -4.71 19.75 -17.24
C PRO A 194 -5.80 19.66 -18.32
N SER A 195 -5.41 19.83 -19.58
CA SER A 195 -6.45 19.80 -20.61
C SER A 195 -6.35 18.51 -21.39
N GLY A 196 -7.48 17.82 -21.55
CA GLY A 196 -7.50 16.55 -22.29
C GLY A 196 -7.19 15.40 -21.37
N TYR A 197 -6.87 15.71 -20.12
CA TYR A 197 -6.54 14.68 -19.11
C TYR A 197 -7.67 14.67 -18.10
N ASP A 198 -8.86 15.00 -18.55
CA ASP A 198 -10.02 15.10 -17.64
C ASP A 198 -10.74 13.76 -17.60
N TYR A 199 -11.25 13.38 -16.43
CA TYR A 199 -12.04 12.15 -16.30
C TYR A 199 -13.06 12.38 -15.21
N SER A 200 -14.31 12.06 -15.50
CA SER A 200 -15.39 12.21 -14.53
C SER A 200 -15.78 10.87 -13.91
N ARG A 201 -16.47 10.95 -12.76
CA ARG A 201 -16.91 9.75 -12.07
C ARG A 201 -17.85 8.90 -12.93
N ASP A 202 -18.71 9.55 -13.72
CA ASP A 202 -19.72 8.82 -14.47
C ASP A 202 -19.10 8.07 -15.64
N GLN A 203 -17.96 8.55 -16.16
CA GLN A 203 -17.25 7.84 -17.22
C GLN A 203 -16.72 6.48 -16.76
N LEU A 204 -16.44 6.33 -15.46
CA LEU A 204 -15.91 5.07 -14.96
C LEU A 204 -16.90 3.93 -15.19
N ILE A 205 -18.20 4.21 -15.06
CA ILE A 205 -19.19 3.17 -15.28
C ILE A 205 -19.28 2.84 -16.77
N GLU A 206 -19.30 3.86 -17.63
CA GLU A 206 -19.32 3.62 -19.07
C GLU A 206 -18.07 2.86 -19.53
N ASP A 207 -16.91 3.23 -18.99
CA ASP A 207 -15.65 2.63 -19.41
C ASP A 207 -15.51 1.22 -18.86
N VAL A 208 -15.89 1.00 -17.61
CA VAL A 208 -15.89 -0.36 -17.07
C VAL A 208 -16.80 -1.27 -17.91
N GLU A 209 -17.97 -0.76 -18.31
CA GLU A 209 -18.93 -1.58 -19.02
C GLU A 209 -18.54 -1.80 -20.47
N ARG A 210 -17.88 -0.82 -21.10
CA ARG A 210 -17.44 -1.01 -22.48
C ARG A 210 -16.32 -2.04 -22.56
N THR A 211 -15.39 -1.98 -21.63
CA THR A 211 -14.28 -2.90 -21.69
C THR A 211 -14.70 -4.32 -21.27
N PHE A 212 -15.68 -4.44 -20.38
CA PHE A 212 -16.15 -5.75 -20.00
C PHE A 212 -16.86 -6.45 -21.16
N ALA A 213 -17.38 -5.68 -22.12
CA ALA A 213 -17.96 -6.28 -23.30
C ALA A 213 -16.91 -6.97 -24.16
N GLU A 214 -15.67 -6.44 -24.16
CA GLU A 214 -14.61 -7.02 -24.99
C GLU A 214 -14.00 -8.26 -24.35
N ILE A 215 -14.02 -8.32 -23.01
CA ILE A 215 -13.50 -9.45 -22.25
C ILE A 215 -14.45 -10.65 -22.31
N LYS A 216 -15.75 -10.41 -22.44
CA LYS A 216 -16.74 -11.46 -22.24
C LYS A 216 -16.58 -12.68 -23.15
N PRO A 217 -16.26 -12.56 -24.45
CA PRO A 217 -16.11 -13.78 -25.27
C PRO A 217 -15.00 -14.70 -24.78
N LEU A 218 -13.82 -14.15 -24.46
CA LEU A 218 -12.78 -14.97 -23.87
C LEU A 218 -13.25 -15.64 -22.58
N TYR A 219 -14.00 -14.91 -21.76
CA TYR A 219 -14.43 -15.51 -20.51
C TYR A 219 -15.45 -16.63 -20.75
N GLU A 220 -16.38 -16.42 -21.70
CA GLU A 220 -17.39 -17.44 -21.97
C GLU A 220 -16.73 -18.76 -22.35
N HIS A 221 -15.64 -18.70 -23.13
CA HIS A 221 -14.91 -19.88 -23.52
C HIS A 221 -14.13 -20.50 -22.36
N LEU A 222 -13.45 -19.67 -21.56
CA LEU A 222 -12.82 -20.16 -20.35
C LEU A 222 -13.85 -20.87 -19.48
N HIS A 223 -15.02 -20.25 -19.35
CA HIS A 223 -16.13 -20.82 -18.60
C HIS A 223 -16.54 -22.18 -19.20
N ALA A 224 -16.75 -22.24 -20.51
CA ALA A 224 -17.17 -23.49 -21.13
C ALA A 224 -16.16 -24.60 -20.87
N TYR A 225 -14.86 -24.27 -20.97
CA TYR A 225 -13.83 -25.29 -20.81
C TYR A 225 -13.77 -25.79 -19.38
N VAL A 226 -13.79 -24.89 -18.37
CA VAL A 226 -13.69 -25.40 -17.00
C VAL A 226 -14.97 -26.14 -16.62
N ARG A 227 -16.12 -25.74 -17.19
CA ARG A 227 -17.36 -26.47 -16.92
C ARG A 227 -17.29 -27.90 -17.44
N ALA A 228 -16.75 -28.07 -18.66
CA ALA A 228 -16.49 -29.41 -19.21
C ALA A 228 -15.59 -30.22 -18.28
N LYS A 229 -14.49 -29.62 -17.82
CA LYS A 229 -13.53 -30.40 -17.03
C LYS A 229 -13.98 -30.61 -15.58
N LEU A 230 -14.94 -29.83 -15.07
CA LEU A 230 -15.46 -30.13 -13.74
C LEU A 230 -16.46 -31.28 -13.80
N MET A 231 -17.10 -31.51 -14.95
CA MET A 231 -17.93 -32.71 -15.09
C MET A 231 -17.12 -34.00 -14.94
N ASP A 232 -15.80 -33.95 -15.16
CA ASP A 232 -14.99 -35.12 -14.88
C ASP A 232 -14.78 -35.31 -13.38
N THR A 233 -14.77 -34.21 -12.62
CA THR A 233 -14.56 -34.28 -11.17
C THR A 233 -15.87 -34.34 -10.36
N TYR A 234 -16.93 -33.68 -10.83
CA TYR A 234 -18.21 -33.69 -10.12
C TYR A 234 -19.32 -34.25 -10.99
N PRO A 235 -19.16 -35.47 -11.51
CA PRO A 235 -20.25 -36.05 -12.28
C PRO A 235 -21.46 -36.23 -11.37
N SER A 236 -22.64 -35.96 -11.92
CA SER A 236 -23.96 -35.91 -11.29
C SER A 236 -24.21 -34.62 -10.51
N HIS A 237 -23.35 -33.60 -10.67
CA HIS A 237 -23.59 -32.28 -10.10
C HIS A 237 -23.41 -31.13 -11.08
N ILE A 238 -22.91 -31.36 -12.29
CA ILE A 238 -22.67 -30.27 -13.24
C ILE A 238 -23.51 -30.48 -14.50
N ASN A 239 -24.21 -29.42 -14.90
CA ASN A 239 -25.07 -29.38 -16.06
C ASN A 239 -24.29 -28.73 -17.20
N PRO A 240 -24.03 -29.42 -18.30
CA PRO A 240 -23.11 -28.90 -19.33
C PRO A 240 -23.62 -27.68 -20.06
N THR A 241 -24.85 -27.22 -19.83
CA THR A 241 -25.31 -25.96 -20.39
C THR A 241 -25.71 -24.95 -19.32
N GLY A 242 -25.38 -25.22 -18.06
CA GLY A 242 -25.82 -24.40 -16.95
C GLY A 242 -24.70 -23.56 -16.34
N CYS A 243 -25.12 -22.80 -15.32
CA CYS A 243 -24.18 -22.07 -14.49
C CYS A 243 -23.39 -23.05 -13.63
N LEU A 244 -22.23 -22.60 -13.20
CA LEU A 244 -21.37 -23.48 -12.38
C LEU A 244 -21.77 -23.33 -10.92
N PRO A 245 -21.97 -24.43 -10.19
CA PRO A 245 -22.26 -24.33 -8.79
C PRO A 245 -21.22 -23.46 -8.06
N ALA A 246 -21.64 -22.52 -7.21
CA ALA A 246 -20.74 -21.52 -6.58
C ALA A 246 -19.80 -22.05 -5.51
N HIS A 247 -20.08 -23.21 -4.95
CA HIS A 247 -19.21 -23.81 -3.92
C HIS A 247 -18.15 -24.71 -4.55
N LEU A 248 -18.09 -24.75 -5.86
CA LEU A 248 -17.14 -25.68 -6.51
C LEU A 248 -16.15 -24.87 -7.33
N LEU A 249 -15.99 -23.58 -7.03
CA LEU A 249 -15.19 -22.75 -7.90
C LEU A 249 -13.75 -22.56 -7.46
N GLY A 250 -13.31 -23.18 -6.35
CA GLY A 250 -11.92 -23.11 -5.96
C GLY A 250 -11.58 -22.15 -4.83
N ASP A 251 -12.50 -21.29 -4.41
CA ASP A 251 -12.35 -20.60 -3.12
C ASP A 251 -13.74 -20.31 -2.54
N MET A 252 -13.78 -19.55 -1.45
CA MET A 252 -15.03 -19.36 -0.74
C MET A 252 -16.06 -18.61 -1.56
N TRP A 253 -15.62 -17.84 -2.56
CA TRP A 253 -16.54 -17.04 -3.35
C TRP A 253 -16.48 -17.30 -4.85
N GLY A 254 -15.48 -18.04 -5.34
CA GLY A 254 -15.26 -18.05 -6.77
C GLY A 254 -14.67 -16.75 -7.25
N ARG A 255 -13.95 -16.05 -6.36
CA ARG A 255 -13.23 -14.84 -6.73
C ARG A 255 -12.11 -15.12 -7.71
N PHE A 256 -11.36 -16.20 -7.49
CA PHE A 256 -10.31 -16.66 -8.38
C PHE A 256 -10.53 -18.12 -8.65
N TRP A 257 -10.35 -18.55 -9.89
CA TRP A 257 -10.49 -19.96 -10.21
C TRP A 257 -9.15 -20.69 -10.16
N THR A 258 -8.14 -20.11 -9.51
CA THR A 258 -6.81 -20.67 -9.64
C THR A 258 -6.72 -22.09 -9.11
N ASN A 259 -7.50 -22.44 -8.08
CA ASN A 259 -7.38 -23.78 -7.52
C ASN A 259 -8.18 -24.81 -8.28
N LEU A 260 -8.81 -24.42 -9.39
CA LEU A 260 -9.31 -25.37 -10.36
C LEU A 260 -8.21 -25.88 -11.27
N TYR A 261 -7.00 -25.32 -11.15
CA TYR A 261 -5.94 -25.66 -12.10
C TYR A 261 -5.70 -27.16 -12.18
N SER A 262 -5.61 -27.82 -11.01
CA SER A 262 -5.41 -29.26 -10.97
C SER A 262 -6.50 -30.00 -11.74
N LEU A 263 -7.75 -29.54 -11.63
CA LEU A 263 -8.87 -30.20 -12.25
C LEU A 263 -9.06 -29.84 -13.73
N THR A 264 -8.28 -28.91 -14.27
CA THR A 264 -8.52 -28.31 -15.58
C THR A 264 -7.28 -28.23 -16.43
N VAL A 265 -6.12 -28.60 -15.90
CA VAL A 265 -4.87 -28.51 -16.65
C VAL A 265 -5.00 -29.33 -17.93
N PRO A 266 -4.57 -28.81 -19.08
CA PRO A 266 -4.74 -29.55 -20.34
C PRO A 266 -3.72 -30.67 -20.48
N PHE A 267 -2.45 -30.35 -20.23
CA PHE A 267 -1.35 -31.28 -20.40
C PHE A 267 -0.69 -31.49 -19.04
N GLY A 268 -1.21 -32.46 -18.27
CA GLY A 268 -0.77 -32.66 -16.90
C GLY A 268 0.46 -33.54 -16.73
N GLN A 269 0.90 -34.19 -17.80
CA GLN A 269 2.16 -34.98 -17.71
C GLN A 269 3.36 -34.06 -17.87
N LYS A 270 3.15 -32.84 -18.34
CA LYS A 270 4.26 -31.91 -18.47
C LYS A 270 4.74 -31.42 -17.10
N PRO A 271 5.95 -30.87 -17.04
CA PRO A 271 6.44 -30.29 -15.77
C PRO A 271 5.48 -29.25 -15.23
N ASN A 272 5.15 -29.38 -13.96
CA ASN A 272 4.07 -28.58 -13.40
C ASN A 272 4.48 -27.11 -13.33
N ILE A 273 3.77 -26.29 -14.11
CA ILE A 273 3.82 -24.83 -14.04
C ILE A 273 3.33 -24.27 -12.69
N ASP A 274 2.63 -25.09 -11.88
CA ASP A 274 2.30 -24.74 -10.49
C ASP A 274 3.37 -25.31 -9.57
N VAL A 275 4.23 -24.44 -9.06
CA VAL A 275 5.47 -24.85 -8.43
C VAL A 275 5.27 -25.03 -6.93
N THR A 276 4.00 -25.15 -6.52
CA THR A 276 3.71 -25.38 -5.10
C THR A 276 4.38 -26.67 -4.58
N ASP A 277 4.35 -27.76 -5.34
CA ASP A 277 4.99 -28.98 -4.86
C ASP A 277 6.51 -28.89 -4.90
N ALA A 278 7.06 -28.22 -5.91
CA ALA A 278 8.50 -27.97 -5.94
C ALA A 278 8.94 -27.07 -4.78
N MET A 279 8.11 -26.12 -4.36
CA MET A 279 8.49 -25.30 -3.22
C MET A 279 8.58 -26.14 -1.94
N VAL A 280 7.56 -26.98 -1.70
CA VAL A 280 7.56 -27.84 -0.50
C VAL A 280 8.75 -28.79 -0.49
N ASP A 281 9.05 -29.40 -1.66
CA ASP A 281 10.11 -30.40 -1.73
C ASP A 281 11.49 -29.80 -1.54
N GLN A 282 11.63 -28.47 -1.69
CA GLN A 282 12.89 -27.80 -1.45
C GLN A 282 12.88 -27.03 -0.14
N SER A 283 11.90 -27.32 0.72
CA SER A 283 11.86 -26.79 2.09
C SER A 283 11.92 -25.27 2.11
N TRP A 284 11.29 -24.63 1.13
CA TRP A 284 11.06 -23.18 1.21
C TRP A 284 10.18 -22.85 2.43
N ASP A 285 10.43 -21.68 3.02
CA ASP A 285 9.60 -21.13 4.09
C ASP A 285 9.13 -19.75 3.68
N ALA A 286 8.32 -19.12 4.54
CA ALA A 286 7.82 -17.79 4.20
C ALA A 286 8.96 -16.80 3.99
N LYS A 287 10.03 -16.91 4.80
CA LYS A 287 11.15 -15.99 4.61
C LYS A 287 11.72 -16.09 3.20
N ARG A 288 12.02 -17.33 2.76
CA ARG A 288 12.56 -17.55 1.43
C ARG A 288 11.65 -16.94 0.36
N ILE A 289 10.34 -17.12 0.51
CA ILE A 289 9.40 -16.55 -0.44
C ILE A 289 9.54 -15.04 -0.50
N PHE A 290 9.66 -14.37 0.65
CA PHE A 290 9.82 -12.92 0.62
C PHE A 290 11.21 -12.49 0.16
N GLU A 291 12.24 -13.28 0.46
CA GLU A 291 13.58 -12.94 -0.04
C GLU A 291 13.65 -13.05 -1.55
N GLU A 292 12.99 -14.05 -2.13
CA GLU A 292 13.02 -14.22 -3.58
C GLU A 292 12.31 -13.05 -4.29
N ALA A 293 11.20 -12.58 -3.73
CA ALA A 293 10.53 -11.39 -4.26
C ALA A 293 11.40 -10.16 -4.12
N GLU A 294 12.08 -10.01 -2.98
CA GLU A 294 13.04 -8.92 -2.85
C GLU A 294 14.12 -9.04 -3.93
N LYS A 295 14.63 -10.25 -4.17
CA LYS A 295 15.68 -10.43 -5.20
C LYS A 295 15.15 -9.97 -6.54
N PHE A 296 13.89 -10.27 -6.82
CA PHE A 296 13.37 -9.85 -8.13
C PHE A 296 13.44 -8.34 -8.27
N PHE A 297 12.91 -7.60 -7.30
CA PHE A 297 12.84 -6.14 -7.42
C PHE A 297 14.23 -5.54 -7.51
N VAL A 298 15.19 -6.07 -6.75
CA VAL A 298 16.56 -5.59 -6.86
C VAL A 298 17.10 -5.82 -8.28
N SER A 299 16.74 -6.92 -8.93
CA SER A 299 17.31 -7.16 -10.26
C SER A 299 16.81 -6.16 -11.30
N VAL A 300 15.67 -5.50 -11.06
CA VAL A 300 15.17 -4.49 -11.99
C VAL A 300 15.55 -3.06 -11.56
N GLY A 301 16.34 -2.92 -10.50
CA GLY A 301 16.82 -1.63 -10.06
C GLY A 301 16.09 -1.04 -8.87
N LEU A 302 14.92 -1.57 -8.52
CA LEU A 302 14.19 -1.09 -7.36
C LEU A 302 14.97 -1.41 -6.08
N PRO A 303 14.77 -0.63 -5.02
CA PRO A 303 15.52 -0.83 -3.76
C PRO A 303 15.19 -2.15 -3.06
N ASN A 304 16.10 -2.54 -2.16
CA ASN A 304 15.80 -3.64 -1.25
C ASN A 304 14.81 -3.19 -0.17
N MET A 305 14.21 -4.17 0.53
CA MET A 305 13.33 -3.87 1.64
C MET A 305 14.14 -3.33 2.81
N THR A 306 13.56 -2.38 3.54
CA THR A 306 14.27 -1.75 4.65
C THR A 306 14.54 -2.76 5.75
N GLN A 307 15.47 -2.43 6.63
CA GLN A 307 15.74 -3.35 7.74
C GLN A 307 14.53 -3.43 8.66
N GLY A 308 13.79 -2.32 8.79
CA GLY A 308 12.62 -2.32 9.66
C GLY A 308 11.51 -3.20 9.12
N PHE A 309 11.37 -3.23 7.80
CA PHE A 309 10.49 -4.23 7.18
C PHE A 309 10.71 -5.65 7.70
N TRP A 310 11.98 -6.12 7.77
CA TRP A 310 12.21 -7.52 8.15
C TRP A 310 11.96 -7.77 9.64
N GLU A 311 12.10 -6.72 10.47
CA GLU A 311 11.90 -6.79 11.91
C GLU A 311 10.45 -6.63 12.34
N ASN A 312 9.70 -5.76 11.66
CA ASN A 312 8.37 -5.40 12.11
C ASN A 312 7.23 -6.14 11.41
N SER A 313 7.44 -6.62 10.18
CA SER A 313 6.39 -7.30 9.43
C SER A 313 5.95 -8.57 10.16
N MET A 314 4.71 -8.99 9.87
CA MET A 314 4.19 -10.31 10.26
C MET A 314 4.08 -11.14 8.99
N LEU A 315 5.05 -12.02 8.74
CA LEU A 315 5.07 -12.77 7.48
C LEU A 315 4.46 -14.17 7.57
N THR A 316 4.20 -14.68 8.76
CA THR A 316 3.40 -15.87 8.98
C THR A 316 2.48 -15.65 10.17
N GLU A 317 1.42 -16.45 10.25
CA GLU A 317 0.59 -16.41 11.43
C GLU A 317 1.49 -16.67 12.64
N PRO A 318 1.36 -15.90 13.71
CA PRO A 318 2.32 -16.08 14.81
C PRO A 318 2.12 -17.37 15.58
N GLY A 319 0.89 -17.87 15.70
CA GLY A 319 0.63 -19.05 16.51
C GLY A 319 1.18 -19.03 17.93
N ASP A 320 1.28 -17.85 18.55
CA ASP A 320 1.67 -17.71 19.95
C ASP A 320 0.50 -17.27 20.83
N GLY A 321 -0.71 -17.69 20.50
CA GLY A 321 -1.90 -17.29 21.22
C GLY A 321 -2.60 -16.05 20.69
N ARG A 322 -1.89 -15.20 19.95
CA ARG A 322 -2.50 -14.00 19.40
C ARG A 322 -3.45 -14.34 18.25
N LYS A 323 -4.60 -13.67 18.24
CA LYS A 323 -5.52 -13.72 17.11
C LYS A 323 -5.15 -12.60 16.16
N VAL A 324 -4.99 -12.95 14.90
CA VAL A 324 -4.59 -12.02 13.85
C VAL A 324 -5.70 -11.98 12.81
N VAL A 325 -5.80 -10.85 12.10
CA VAL A 325 -6.58 -10.79 10.89
C VAL A 325 -5.65 -11.14 9.73
N CYS A 326 -5.98 -12.22 9.00
CA CYS A 326 -5.00 -12.84 8.12
C CYS A 326 -4.99 -12.25 6.72
N HIS A 327 -5.92 -11.38 6.40
CA HIS A 327 -5.97 -10.89 5.03
C HIS A 327 -4.67 -10.17 4.67
N PRO A 328 -3.96 -10.64 3.65
CA PRO A 328 -2.68 -10.01 3.26
C PRO A 328 -2.84 -8.52 2.99
N THR A 329 -1.96 -7.71 3.58
CA THR A 329 -1.97 -6.27 3.31
C THR A 329 -0.55 -5.73 3.46
N ALA A 330 -0.27 -4.68 2.70
CA ALA A 330 0.99 -3.94 2.76
C ALA A 330 0.75 -2.57 3.39
N TRP A 331 1.43 -2.28 4.49
CA TRP A 331 1.22 -1.03 5.21
C TRP A 331 2.34 -0.04 4.96
N ASP A 332 1.97 1.19 4.63
CA ASP A 332 2.80 2.38 4.78
C ASP A 332 2.34 3.06 6.07
N LEU A 333 2.96 2.72 7.21
CA LEU A 333 2.59 3.40 8.45
C LEU A 333 3.06 4.85 8.55
N GLY A 334 3.81 5.37 7.58
CA GLY A 334 4.41 6.68 7.68
C GLY A 334 5.79 6.62 8.32
N LYS A 335 6.53 7.73 8.16
CA LYS A 335 7.85 7.87 8.78
C LYS A 335 8.79 6.76 8.29
N GLY A 336 8.62 6.35 7.03
CA GLY A 336 9.43 5.34 6.39
C GLY A 336 9.24 3.94 6.90
N ASP A 337 8.22 3.71 7.74
CA ASP A 337 7.91 2.40 8.32
C ASP A 337 7.03 1.62 7.35
N PHE A 338 7.60 0.62 6.70
CA PHE A 338 6.92 -0.20 5.70
C PHE A 338 6.83 -1.63 6.21
N ARG A 339 5.64 -2.20 6.17
CA ARG A 339 5.44 -3.53 6.74
C ARG A 339 4.47 -4.32 5.88
N ILE A 340 4.53 -5.64 6.01
CA ILE A 340 3.56 -6.52 5.39
C ILE A 340 2.98 -7.42 6.46
N LYS A 341 1.66 -7.57 6.46
CA LYS A 341 0.96 -8.51 7.34
C LYS A 341 0.35 -9.60 6.47
N MET A 342 0.82 -10.83 6.65
CA MET A 342 0.41 -11.94 5.79
C MET A 342 0.62 -13.24 6.54
N CYS A 343 -0.38 -14.13 6.48
CA CYS A 343 -0.23 -15.48 7.06
C CYS A 343 0.23 -16.39 5.92
N THR A 344 1.53 -16.34 5.63
CA THR A 344 2.07 -16.96 4.43
C THR A 344 2.20 -18.48 4.55
N LYS A 345 1.68 -19.17 3.54
CA LYS A 345 1.84 -20.61 3.42
C LYS A 345 2.79 -20.91 2.28
N VAL A 346 3.32 -22.13 2.26
CA VAL A 346 4.23 -22.53 1.19
C VAL A 346 3.41 -22.94 -0.04
N THR A 347 3.08 -21.96 -0.88
CA THR A 347 2.16 -22.12 -2.00
C THR A 347 2.57 -21.15 -3.11
N MET A 348 2.37 -21.56 -4.37
CA MET A 348 2.62 -20.63 -5.47
C MET A 348 1.68 -19.43 -5.41
N ASP A 349 0.46 -19.60 -4.88
CA ASP A 349 -0.41 -18.44 -4.70
C ASP A 349 0.19 -17.43 -3.74
N ASP A 350 0.66 -17.89 -2.59
CA ASP A 350 1.28 -16.98 -1.63
C ASP A 350 2.63 -16.47 -2.12
N PHE A 351 3.34 -17.27 -2.92
CA PHE A 351 4.52 -16.77 -3.61
C PHE A 351 4.17 -15.60 -4.50
N LEU A 352 3.10 -15.74 -5.28
CA LEU A 352 2.70 -14.65 -6.17
C LEU A 352 2.15 -13.47 -5.37
N THR A 353 1.35 -13.73 -4.33
CA THR A 353 0.84 -12.66 -3.48
C THR A 353 1.99 -11.88 -2.84
N ALA A 354 3.03 -12.57 -2.37
CA ALA A 354 4.14 -11.86 -1.76
C ALA A 354 4.81 -10.90 -2.76
N HIS A 355 4.82 -11.25 -4.04
CA HIS A 355 5.22 -10.27 -5.03
C HIS A 355 4.20 -9.14 -5.10
N HIS A 356 2.92 -9.49 -5.04
CA HIS A 356 1.89 -8.47 -5.16
C HIS A 356 2.02 -7.43 -4.05
N GLU A 357 2.14 -7.89 -2.79
CA GLU A 357 2.29 -7.01 -1.65
C GLU A 357 3.60 -6.23 -1.69
N MET A 358 4.71 -6.89 -2.10
CA MET A 358 5.96 -6.15 -2.17
C MET A 358 5.86 -5.00 -3.17
N GLY A 359 5.05 -5.15 -4.21
CA GLY A 359 4.88 -4.07 -5.14
C GLY A 359 4.16 -2.88 -4.52
N HIS A 360 3.20 -3.14 -3.62
CA HIS A 360 2.59 -2.07 -2.86
C HIS A 360 3.67 -1.29 -2.12
N ILE A 361 4.44 -1.97 -1.26
CA ILE A 361 5.56 -1.36 -0.55
C ILE A 361 6.43 -0.57 -1.50
N GLN A 362 6.85 -1.19 -2.60
CA GLN A 362 7.75 -0.53 -3.53
C GLN A 362 7.14 0.78 -4.02
N TYR A 363 5.83 0.78 -4.29
CA TYR A 363 5.15 2.01 -4.67
C TYR A 363 5.23 3.03 -3.54
N ASP A 364 4.80 2.63 -2.32
CA ASP A 364 4.89 3.51 -1.15
C ASP A 364 6.31 4.01 -0.92
N MET A 365 7.30 3.18 -1.20
CA MET A 365 8.67 3.63 -0.98
C MET A 365 9.06 4.70 -1.98
N ALA A 366 8.54 4.64 -3.18
CA ALA A 366 8.99 5.57 -4.20
C ALA A 366 8.31 6.92 -4.06
N TYR A 367 7.01 6.94 -3.76
CA TYR A 367 6.40 8.25 -3.68
C TYR A 367 6.56 8.88 -2.30
N ALA A 368 7.44 8.31 -1.44
CA ALA A 368 7.84 8.97 -0.21
C ALA A 368 8.44 10.35 -0.49
N VAL A 369 9.06 10.55 -1.67
CA VAL A 369 9.66 11.82 -2.05
C VAL A 369 8.62 12.92 -2.21
N GLN A 370 7.37 12.56 -2.43
CA GLN A 370 6.30 13.52 -2.66
C GLN A 370 5.80 14.14 -1.34
N PRO A 371 5.18 15.32 -1.38
CA PRO A 371 4.60 15.88 -0.15
C PRO A 371 3.46 15.03 0.38
N TYR A 372 3.25 15.12 1.70
CA TYR A 372 2.39 14.20 2.42
C TYR A 372 1.03 13.99 1.71
N LEU A 373 0.34 15.09 1.38
CA LEU A 373 -1.00 14.95 0.81
C LEU A 373 -1.00 14.20 -0.52
N LEU A 374 0.14 14.12 -1.18
CA LEU A 374 0.24 13.57 -2.51
C LEU A 374 0.87 12.18 -2.54
N ARG A 375 1.16 11.58 -1.39
CA ARG A 375 1.84 10.30 -1.41
C ARG A 375 0.78 9.20 -1.28
N ASN A 376 0.20 8.90 -2.45
CA ASN A 376 -0.79 7.84 -2.68
C ASN A 376 -0.67 7.46 -4.15
N GLY A 377 -1.33 6.38 -4.53
CA GLY A 377 -1.35 5.99 -5.93
C GLY A 377 -2.10 7.00 -6.79
N ALA A 378 -1.83 6.95 -8.09
CA ALA A 378 -2.52 7.85 -9.02
C ALA A 378 -4.03 7.59 -9.01
N ASN A 379 -4.41 6.32 -9.02
CA ASN A 379 -5.73 5.90 -8.56
C ASN A 379 -5.54 4.57 -7.84
N GLU A 380 -6.62 4.04 -7.28
CA GLU A 380 -6.54 2.79 -6.55
C GLU A 380 -6.12 1.62 -7.45
N GLY A 381 -6.54 1.63 -8.73
CA GLY A 381 -6.16 0.55 -9.63
C GLY A 381 -4.67 0.50 -9.90
N PHE A 382 -4.05 1.67 -10.15
CA PHE A 382 -2.59 1.75 -10.23
C PHE A 382 -1.94 1.04 -9.07
N HIS A 383 -2.43 1.28 -7.86
CA HIS A 383 -1.78 0.72 -6.69
C HIS A 383 -1.87 -0.79 -6.64
N GLU A 384 -2.99 -1.37 -7.07
CA GLU A 384 -3.15 -2.84 -7.04
C GLU A 384 -2.57 -3.44 -8.30
N ALA A 385 -2.12 -2.60 -9.22
CA ALA A 385 -1.51 -3.05 -10.47
C ALA A 385 0.02 -3.17 -10.43
N VAL A 386 0.71 -2.37 -9.62
CA VAL A 386 2.16 -2.46 -9.57
C VAL A 386 2.59 -3.85 -9.11
N GLY A 387 1.92 -4.38 -8.08
CA GLY A 387 2.20 -5.72 -7.63
C GLY A 387 1.98 -6.76 -8.71
N GLU A 388 0.95 -6.58 -9.55
CA GLU A 388 0.63 -7.63 -10.51
C GLU A 388 1.50 -7.62 -11.76
N ILE A 389 2.16 -6.49 -12.08
CA ILE A 389 3.19 -6.54 -13.12
C ILE A 389 4.30 -7.48 -12.71
N MET A 390 4.64 -7.51 -11.41
CA MET A 390 5.70 -8.39 -10.95
C MET A 390 5.27 -9.85 -10.99
N SER A 391 4.03 -10.15 -10.58
CA SER A 391 3.54 -11.52 -10.67
C SER A 391 3.56 -12.03 -12.11
N LEU A 392 3.26 -11.16 -13.08
CA LEU A 392 3.26 -11.58 -14.47
C LEU A 392 4.63 -12.12 -14.89
N SER A 393 5.71 -11.49 -14.43
CA SER A 393 7.05 -11.99 -14.73
C SER A 393 7.41 -13.20 -13.86
N ALA A 394 7.25 -13.05 -12.54
CA ALA A 394 7.62 -14.07 -11.57
C ALA A 394 6.94 -15.41 -11.79
N ALA A 395 5.79 -15.44 -12.48
CA ALA A 395 5.08 -16.69 -12.71
C ALA A 395 5.45 -17.36 -14.04
N THR A 396 6.29 -16.73 -14.86
CA THR A 396 6.61 -17.32 -16.14
C THR A 396 7.51 -18.54 -15.97
N PRO A 397 7.29 -19.61 -16.72
CA PRO A 397 8.21 -20.75 -16.74
C PRO A 397 9.69 -20.35 -16.74
N ASN A 398 10.03 -19.35 -17.54
CA ASN A 398 11.41 -18.88 -17.60
C ASN A 398 11.93 -18.47 -16.23
N HIS A 399 11.22 -17.55 -15.57
CA HIS A 399 11.66 -17.05 -14.26
C HIS A 399 11.68 -18.15 -13.21
N LEU A 400 10.64 -18.99 -13.19
CA LEU A 400 10.60 -20.14 -12.30
C LEU A 400 11.82 -21.05 -12.46
N LYS A 401 12.27 -21.26 -13.70
CA LYS A 401 13.45 -22.08 -13.95
C LYS A 401 14.71 -21.41 -13.44
N ALA A 402 14.83 -20.09 -13.61
CA ALA A 402 15.99 -19.38 -13.09
C ALA A 402 15.98 -19.31 -11.55
N ILE A 403 14.81 -19.44 -10.92
CA ILE A 403 14.71 -19.42 -9.47
C ILE A 403 14.92 -20.80 -8.85
N GLY A 404 14.95 -21.85 -9.66
CA GLY A 404 15.15 -23.20 -9.18
C GLY A 404 13.90 -24.05 -9.03
N LEU A 405 12.70 -23.48 -9.23
CA LEU A 405 11.45 -24.21 -9.02
C LEU A 405 11.06 -25.08 -10.21
N LEU A 406 11.70 -24.90 -11.36
CA LEU A 406 11.57 -25.77 -12.49
C LEU A 406 12.93 -26.41 -12.79
N PRO A 407 12.95 -27.67 -13.25
CA PRO A 407 14.23 -28.37 -13.41
C PRO A 407 15.09 -27.73 -14.49
N PRO A 408 16.41 -27.84 -14.35
CA PRO A 408 17.35 -27.20 -15.30
C PRO A 408 17.28 -27.77 -16.71
N ASP A 409 16.75 -28.98 -16.87
CA ASP A 409 16.43 -29.57 -18.16
C ASP A 409 15.06 -29.16 -18.70
N PHE A 410 14.41 -28.16 -18.11
CA PHE A 410 13.06 -27.77 -18.52
C PHE A 410 13.09 -26.96 -19.80
N TYR A 411 12.17 -27.30 -20.72
CA TYR A 411 12.07 -26.62 -22.00
C TYR A 411 10.61 -26.30 -22.29
N GLU A 412 10.39 -25.13 -22.90
CA GLU A 412 9.05 -24.66 -23.22
C GLU A 412 8.63 -25.12 -24.60
N ASP A 413 7.48 -25.80 -24.68
CA ASP A 413 6.82 -26.12 -25.94
C ASP A 413 5.44 -25.47 -25.93
N SER A 414 4.65 -25.80 -26.96
CA SER A 414 3.30 -25.24 -27.08
C SER A 414 2.36 -25.75 -26.00
N GLU A 415 2.64 -26.94 -25.44
CA GLU A 415 1.80 -27.50 -24.40
C GLU A 415 2.05 -26.86 -23.04
N THR A 416 3.30 -26.56 -22.68
CA THR A 416 3.52 -25.85 -21.42
C THR A 416 3.07 -24.41 -21.53
N GLU A 417 3.07 -23.86 -22.75
CA GLU A 417 2.55 -22.51 -22.97
C GLU A 417 1.03 -22.47 -22.73
N ILE A 418 0.27 -23.44 -23.23
CA ILE A 418 -1.15 -23.46 -22.94
C ILE A 418 -1.39 -23.72 -21.44
N ASN A 419 -0.57 -24.56 -20.84
CA ASN A 419 -0.66 -24.79 -19.39
C ASN A 419 -0.52 -23.49 -18.64
N PHE A 420 0.50 -22.72 -18.98
CA PHE A 420 0.79 -21.49 -18.25
C PHE A 420 -0.28 -20.45 -18.52
N LEU A 421 -0.70 -20.34 -19.78
CA LEU A 421 -1.74 -19.39 -20.14
C LEU A 421 -3.07 -19.73 -19.50
N LEU A 422 -3.42 -21.02 -19.45
CA LEU A 422 -4.67 -21.43 -18.82
C LEU A 422 -4.66 -21.11 -17.33
N LYS A 423 -3.52 -21.19 -16.66
CA LYS A 423 -3.50 -20.96 -15.19
C LYS A 423 -3.58 -19.46 -14.94
N GLN A 424 -2.84 -18.72 -15.73
CA GLN A 424 -2.98 -17.28 -15.69
C GLN A 424 -4.43 -16.86 -15.93
N ALA A 425 -5.13 -17.57 -16.80
CA ALA A 425 -6.49 -17.17 -17.15
C ALA A 425 -7.46 -17.45 -16.00
N LEU A 426 -7.24 -18.57 -15.31
CA LEU A 426 -8.07 -18.91 -14.16
C LEU A 426 -8.00 -17.84 -13.09
N THR A 427 -6.82 -17.22 -12.90
CA THR A 427 -6.64 -16.17 -11.91
C THR A 427 -7.10 -14.81 -12.44
N ILE A 428 -6.67 -14.43 -13.65
CA ILE A 428 -6.83 -13.07 -14.12
C ILE A 428 -8.12 -12.88 -14.94
N VAL A 429 -8.48 -13.85 -15.79
CA VAL A 429 -9.73 -13.71 -16.53
C VAL A 429 -10.91 -14.17 -15.69
N GLY A 430 -10.72 -15.19 -14.87
CA GLY A 430 -11.81 -15.69 -14.05
C GLY A 430 -12.33 -14.65 -13.07
N THR A 431 -11.50 -13.69 -12.69
CA THR A 431 -11.88 -12.75 -11.67
C THR A 431 -12.56 -11.51 -12.20
N LEU A 432 -12.43 -11.23 -13.50
CA LEU A 432 -13.05 -10.03 -14.05
C LEU A 432 -14.56 -10.02 -13.85
N PRO A 433 -15.33 -11.01 -14.33
CA PRO A 433 -16.79 -10.94 -14.14
C PRO A 433 -17.21 -10.95 -12.67
N PHE A 434 -16.54 -11.76 -11.84
CA PHE A 434 -16.84 -11.75 -10.42
C PHE A 434 -16.67 -10.35 -9.85
N THR A 435 -15.64 -9.64 -10.28
CA THR A 435 -15.36 -8.31 -9.75
C THR A 435 -16.34 -7.30 -10.29
N TYR A 436 -16.54 -7.30 -11.62
CA TYR A 436 -17.52 -6.43 -12.24
C TYR A 436 -18.89 -6.58 -11.58
N MET A 437 -19.38 -7.82 -11.47
CA MET A 437 -20.73 -8.07 -10.96
C MET A 437 -20.88 -7.65 -9.49
N LEU A 438 -19.83 -7.78 -8.68
CA LEU A 438 -19.95 -7.38 -7.29
C LEU A 438 -20.11 -5.87 -7.16
N GLU A 439 -19.25 -5.09 -7.82
CA GLU A 439 -19.39 -3.65 -7.67
C GLU A 439 -20.61 -3.12 -8.39
N LYS A 440 -21.07 -3.80 -9.42
CA LYS A 440 -22.35 -3.39 -10.04
C LYS A 440 -23.44 -3.51 -8.98
N TRP A 441 -23.48 -4.63 -8.29
CA TRP A 441 -24.47 -4.80 -7.23
C TRP A 441 -24.32 -3.75 -6.15
N ARG A 442 -23.08 -3.54 -5.69
CA ARG A 442 -22.83 -2.53 -4.67
C ARG A 442 -23.31 -1.16 -5.16
N TRP A 443 -22.85 -0.76 -6.34
CA TRP A 443 -23.23 0.54 -6.90
C TRP A 443 -24.75 0.68 -7.00
N MET A 444 -25.44 -0.40 -7.35
CA MET A 444 -26.90 -0.31 -7.48
C MET A 444 -27.59 -0.26 -6.13
N VAL A 445 -27.06 -0.94 -5.11
CA VAL A 445 -27.61 -0.83 -3.76
C VAL A 445 -27.54 0.62 -3.28
N PHE A 446 -26.34 1.22 -3.32
CA PHE A 446 -26.16 2.59 -2.85
C PHE A 446 -27.05 3.57 -3.63
N LYS A 447 -27.23 3.32 -4.93
CA LYS A 447 -28.01 4.23 -5.77
C LYS A 447 -29.49 4.18 -5.43
N GLY A 448 -30.00 3.01 -5.06
CA GLY A 448 -31.42 2.85 -4.82
C GLY A 448 -32.12 1.97 -5.83
N GLU A 449 -31.39 1.44 -6.82
CA GLU A 449 -32.02 0.64 -7.87
C GLU A 449 -32.45 -0.73 -7.35
N ILE A 450 -31.77 -1.26 -6.34
CA ILE A 450 -32.15 -2.52 -5.70
C ILE A 450 -32.66 -2.20 -4.29
N PRO A 451 -33.93 -2.42 -4.00
CA PRO A 451 -34.43 -2.21 -2.63
C PRO A 451 -34.14 -3.41 -1.73
N LYS A 452 -34.20 -3.16 -0.43
CA LYS A 452 -33.78 -4.18 0.58
C LYS A 452 -34.48 -5.50 0.28
N GLU A 453 -35.65 -5.41 -0.31
CA GLU A 453 -36.60 -6.53 -0.37
C GLU A 453 -36.15 -7.44 -1.49
N GLU A 454 -35.21 -6.97 -2.28
CA GLU A 454 -34.74 -7.72 -3.45
C GLU A 454 -33.22 -7.83 -3.51
N TRP A 455 -32.53 -7.64 -2.38
CA TRP A 455 -31.07 -7.60 -2.38
C TRP A 455 -30.47 -8.94 -2.81
N MET A 456 -30.98 -10.03 -2.26
CA MET A 456 -30.46 -11.34 -2.60
C MET A 456 -31.12 -11.93 -3.83
N LYS A 457 -32.32 -11.49 -4.17
CA LYS A 457 -32.89 -11.84 -5.46
C LYS A 457 -31.98 -11.36 -6.58
N LYS A 458 -31.55 -10.09 -6.51
CA LYS A 458 -30.78 -9.49 -7.59
C LYS A 458 -29.33 -9.97 -7.58
N TRP A 459 -28.82 -10.33 -6.41
CA TRP A 459 -27.46 -10.84 -6.34
C TRP A 459 -27.35 -12.16 -7.09
N TRP A 460 -28.27 -13.09 -6.80
CA TRP A 460 -28.22 -14.36 -7.50
C TRP A 460 -28.76 -14.27 -8.92
N GLU A 461 -29.57 -13.25 -9.23
CA GLU A 461 -29.88 -13.04 -10.64
C GLU A 461 -28.66 -12.51 -11.38
N MET A 462 -27.87 -11.61 -10.76
CA MET A 462 -26.72 -11.08 -11.46
C MET A 462 -25.57 -12.09 -11.53
N LYS A 463 -25.35 -12.84 -10.44
CA LYS A 463 -24.41 -13.96 -10.47
C LYS A 463 -24.65 -14.84 -11.69
N ARG A 464 -25.92 -15.27 -11.90
CA ARG A 464 -26.21 -16.20 -13.00
C ARG A 464 -26.02 -15.53 -14.37
N GLU A 465 -26.56 -14.33 -14.56
CA GLU A 465 -26.48 -13.69 -15.87
C GLU A 465 -25.06 -13.30 -16.22
N ILE A 466 -24.38 -12.64 -15.30
CA ILE A 466 -23.10 -12.03 -15.63
C ILE A 466 -21.95 -13.00 -15.44
N VAL A 467 -21.94 -13.74 -14.32
CA VAL A 467 -20.79 -14.59 -14.00
C VAL A 467 -20.97 -16.01 -14.48
N GLY A 468 -22.19 -16.45 -14.79
CA GLY A 468 -22.45 -17.83 -15.13
C GLY A 468 -22.25 -18.76 -13.94
N VAL A 469 -22.64 -18.32 -12.76
CA VAL A 469 -22.47 -19.06 -11.52
C VAL A 469 -23.83 -19.05 -10.81
N VAL A 470 -24.14 -20.15 -10.12
CA VAL A 470 -25.48 -20.32 -9.54
C VAL A 470 -25.38 -20.82 -8.11
N GLU A 471 -26.29 -20.36 -7.26
CA GLU A 471 -26.25 -20.71 -5.85
C GLU A 471 -26.67 -22.17 -5.66
N PRO A 472 -25.95 -22.94 -4.83
CA PRO A 472 -26.36 -24.33 -4.60
C PRO A 472 -27.58 -24.49 -3.71
N VAL A 473 -27.97 -23.45 -2.99
CA VAL A 473 -29.08 -23.47 -2.02
C VAL A 473 -29.88 -22.18 -2.22
N PRO A 474 -31.21 -22.20 -2.17
CA PRO A 474 -31.96 -20.94 -2.24
C PRO A 474 -31.62 -20.03 -1.07
N HIS A 475 -31.55 -18.73 -1.32
CA HIS A 475 -31.24 -17.75 -0.27
C HIS A 475 -32.30 -16.65 -0.20
N ASP A 476 -32.94 -16.51 0.97
CA ASP A 476 -33.96 -15.48 1.20
C ASP A 476 -33.30 -14.13 1.45
N GLU A 477 -34.14 -13.12 1.65
CA GLU A 477 -33.61 -11.83 2.08
C GLU A 477 -33.11 -11.85 3.51
N THR A 478 -33.23 -12.99 4.20
CA THR A 478 -32.58 -13.19 5.48
C THR A 478 -31.04 -13.23 5.36
N TYR A 479 -30.52 -13.62 4.19
CA TYR A 479 -29.11 -13.74 3.88
C TYR A 479 -28.50 -12.40 3.48
N CYS A 480 -27.18 -12.35 3.44
CA CYS A 480 -26.45 -11.22 2.88
C CYS A 480 -25.10 -11.70 2.31
N ASP A 481 -25.18 -12.53 1.27
CA ASP A 481 -24.01 -13.21 0.73
C ASP A 481 -22.85 -12.30 0.34
N PRO A 482 -23.04 -11.11 -0.25
CA PRO A 482 -21.86 -10.29 -0.62
C PRO A 482 -21.05 -9.84 0.59
N ALA A 483 -21.67 -9.72 1.76
CA ALA A 483 -20.97 -9.30 2.97
C ALA A 483 -20.08 -10.39 3.54
N ALA A 484 -20.23 -11.63 3.06
CA ALA A 484 -19.32 -12.73 3.38
C ALA A 484 -17.97 -12.63 2.67
N LEU A 485 -17.74 -11.61 1.86
CA LEU A 485 -16.43 -11.27 1.30
C LEU A 485 -15.75 -10.23 2.19
N PHE A 486 -14.44 -10.42 2.39
CA PHE A 486 -13.70 -9.55 3.30
C PHE A 486 -13.84 -8.07 2.95
N HIS A 487 -13.73 -7.73 1.67
CA HIS A 487 -13.66 -6.33 1.27
C HIS A 487 -14.98 -5.60 1.47
N VAL A 488 -16.09 -6.33 1.47
CA VAL A 488 -17.41 -5.73 1.64
C VAL A 488 -17.70 -5.50 3.12
N ALA A 489 -17.42 -6.51 3.95
CA ALA A 489 -17.60 -6.39 5.38
C ALA A 489 -16.68 -5.33 5.98
N ASN A 490 -15.59 -5.00 5.29
CA ASN A 490 -14.60 -4.07 5.81
C ASN A 490 -14.56 -2.78 5.00
N ASP A 491 -15.65 -2.42 4.33
CA ASP A 491 -15.84 -1.06 3.78
C ASP A 491 -14.70 -0.63 2.84
N TYR A 492 -14.32 -1.54 1.92
CA TYR A 492 -13.35 -1.24 0.88
C TYR A 492 -14.02 -1.31 -0.50
N SER A 493 -13.65 -0.42 -1.41
CA SER A 493 -14.18 -0.48 -2.76
C SER A 493 -13.47 -1.57 -3.54
N PHE A 494 -14.18 -2.19 -4.49
CA PHE A 494 -13.69 -3.38 -5.20
C PHE A 494 -13.29 -3.12 -6.63
N ILE A 495 -13.74 -2.03 -7.26
CA ILE A 495 -13.46 -1.88 -8.68
C ILE A 495 -11.97 -1.78 -8.98
N ARG A 496 -11.14 -1.51 -7.95
CA ARG A 496 -9.69 -1.47 -8.13
C ARG A 496 -9.18 -2.77 -8.73
N TYR A 497 -9.77 -3.90 -8.34
CA TYR A 497 -9.35 -5.19 -8.87
C TYR A 497 -9.80 -5.40 -10.31
N TYR A 498 -10.70 -4.57 -10.81
CA TYR A 498 -11.06 -4.65 -12.22
C TYR A 498 -10.15 -3.76 -13.05
N THR A 499 -10.04 -2.48 -12.69
CA THR A 499 -9.15 -1.56 -13.41
C THR A 499 -7.70 -2.04 -13.36
N ARG A 500 -7.28 -2.59 -12.21
CA ARG A 500 -5.95 -3.16 -12.09
C ARG A 500 -5.69 -4.20 -13.19
N THR A 501 -6.65 -5.11 -13.38
CA THR A 501 -6.39 -6.21 -14.30
C THR A 501 -6.23 -5.70 -15.72
N ILE A 502 -6.96 -4.66 -16.09
CA ILE A 502 -6.74 -4.06 -17.40
C ILE A 502 -5.45 -3.24 -17.42
N TYR A 503 -5.11 -2.56 -16.33
CA TYR A 503 -3.85 -1.83 -16.27
C TYR A 503 -2.65 -2.76 -16.38
N GLN A 504 -2.68 -3.88 -15.63
CA GLN A 504 -1.62 -4.91 -15.62
C GLN A 504 -0.89 -4.98 -16.94
N PHE A 505 -1.64 -5.33 -17.98
CA PHE A 505 -1.06 -5.68 -19.25
C PHE A 505 -0.65 -4.47 -20.06
N GLN A 506 -1.29 -3.33 -19.83
CA GLN A 506 -0.84 -2.10 -20.44
C GLN A 506 0.55 -1.75 -19.95
N PHE A 507 0.74 -1.83 -18.63
CA PHE A 507 2.07 -1.64 -18.05
C PHE A 507 3.03 -2.68 -18.59
N GLN A 508 2.64 -3.96 -18.55
CA GLN A 508 3.55 -5.03 -18.95
C GLN A 508 3.95 -4.88 -20.41
N GLU A 509 3.02 -4.49 -21.29
CA GLU A 509 3.38 -4.27 -22.68
C GLU A 509 4.42 -3.16 -22.84
N ALA A 510 4.32 -2.11 -22.03
CA ALA A 510 5.22 -0.97 -22.18
C ALA A 510 6.60 -1.24 -21.59
N LEU A 511 6.65 -1.87 -20.41
CA LEU A 511 7.95 -2.21 -19.83
C LEU A 511 8.70 -3.27 -20.66
N CYS A 512 7.98 -4.21 -21.30
CA CYS A 512 8.68 -5.21 -22.11
C CYS A 512 9.33 -4.57 -23.33
N GLN A 513 8.63 -3.63 -23.97
CA GLN A 513 9.23 -2.89 -25.07
C GLN A 513 10.48 -2.12 -24.62
N THR A 514 10.47 -1.62 -23.38
CA THR A 514 11.67 -0.99 -22.84
C THR A 514 12.76 -2.01 -22.56
N ALA A 515 12.38 -3.21 -22.10
CA ALA A 515 13.31 -4.33 -21.92
C ALA A 515 13.74 -4.97 -23.23
N LYS A 516 13.33 -4.43 -24.38
CA LYS A 516 13.71 -4.97 -25.69
C LYS A 516 13.41 -6.47 -25.78
N HIS A 517 12.23 -6.86 -25.31
CA HIS A 517 11.75 -8.23 -25.46
C HIS A 517 11.18 -8.43 -26.87
N GLU A 518 11.43 -9.60 -27.44
CA GLU A 518 10.93 -9.96 -28.77
C GLU A 518 10.07 -11.22 -28.66
N GLY A 519 8.89 -11.19 -29.25
CA GLY A 519 7.95 -12.28 -29.11
C GLY A 519 6.73 -11.89 -28.30
N PRO A 520 5.91 -12.88 -27.94
CA PRO A 520 4.63 -12.58 -27.26
C PRO A 520 4.84 -12.10 -25.84
N LEU A 521 3.92 -11.26 -25.35
CA LEU A 521 4.22 -10.67 -24.04
C LEU A 521 3.95 -11.60 -22.88
N HIS A 522 3.40 -12.80 -23.10
CA HIS A 522 3.35 -13.74 -21.99
C HIS A 522 4.66 -14.49 -21.77
N LYS A 523 5.61 -14.39 -22.71
CA LYS A 523 6.94 -14.98 -22.52
C LYS A 523 7.86 -14.02 -21.80
N CYS A 524 7.40 -12.81 -21.55
CA CYS A 524 8.27 -11.72 -21.13
C CYS A 524 8.58 -11.80 -19.64
N ASP A 525 9.85 -11.73 -19.30
CA ASP A 525 10.33 -11.69 -17.92
C ASP A 525 11.11 -10.40 -17.79
N ILE A 526 10.58 -9.49 -16.99
CA ILE A 526 11.13 -8.14 -16.83
C ILE A 526 12.44 -8.24 -16.04
N SER A 527 12.74 -9.45 -15.55
CA SER A 527 13.82 -9.65 -14.60
C SER A 527 15.17 -9.27 -15.21
N ASN A 528 15.91 -8.44 -14.50
CA ASN A 528 17.25 -7.92 -14.77
C ASN A 528 17.29 -6.73 -15.71
N SER A 529 16.15 -6.19 -16.13
CA SER A 529 16.15 -4.99 -16.96
C SER A 529 16.09 -3.78 -16.04
N THR A 530 17.24 -3.16 -15.81
CA THR A 530 17.25 -1.92 -15.03
C THR A 530 16.56 -0.79 -15.80
N GLU A 531 16.60 -0.85 -17.13
CA GLU A 531 15.88 0.13 -17.92
C GLU A 531 14.39 0.04 -17.65
N ALA A 532 13.86 -1.18 -17.49
CA ALA A 532 12.44 -1.32 -17.19
C ALA A 532 12.11 -0.76 -15.81
N GLY A 533 12.88 -1.13 -14.82
CA GLY A 533 12.67 -0.58 -13.48
C GLY A 533 12.81 0.93 -13.44
N GLN A 534 13.71 1.48 -14.25
CA GLN A 534 13.82 2.94 -14.34
C GLN A 534 12.53 3.56 -14.86
N LYS A 535 11.94 2.95 -15.91
CA LYS A 535 10.72 3.50 -16.48
C LYS A 535 9.57 3.42 -15.47
N LEU A 536 9.49 2.32 -14.71
CA LEU A 536 8.41 2.14 -13.75
C LEU A 536 8.57 3.10 -12.56
N LEU A 537 9.78 3.15 -12.01
CA LEU A 537 10.03 4.00 -10.85
C LEU A 537 9.73 5.47 -11.15
N GLN A 538 9.83 5.88 -12.41
CA GLN A 538 9.47 7.26 -12.76
C GLN A 538 8.00 7.55 -12.56
N MET A 539 7.12 6.58 -12.78
CA MET A 539 5.72 6.78 -12.46
C MET A 539 5.45 6.59 -10.97
N LEU A 540 6.01 5.54 -10.37
CA LEU A 540 5.81 5.28 -8.95
C LEU A 540 6.14 6.50 -8.11
N SER A 541 7.24 7.18 -8.43
CA SER A 541 7.67 8.30 -7.62
C SER A 541 6.78 9.52 -7.80
N LEU A 542 5.92 9.54 -8.81
CA LEU A 542 5.00 10.66 -9.01
C LEU A 542 3.84 10.63 -8.03
N GLY A 543 3.42 9.46 -7.58
CA GLY A 543 2.31 9.39 -6.63
C GLY A 543 1.01 9.89 -7.22
N LYS A 544 0.28 10.68 -6.44
CA LYS A 544 -0.95 11.33 -6.85
C LYS A 544 -0.72 12.75 -7.37
N SER A 545 0.55 13.15 -7.56
CA SER A 545 0.87 14.55 -7.89
C SER A 545 0.38 14.95 -9.27
N GLU A 546 0.25 14.00 -10.18
CA GLU A 546 -0.38 14.23 -11.47
C GLU A 546 -1.67 13.43 -11.57
N PRO A 547 -2.64 13.88 -12.37
CA PRO A 547 -3.87 13.10 -12.58
C PRO A 547 -3.53 11.74 -13.19
N TRP A 548 -4.36 10.73 -12.89
CA TRP A 548 -4.00 9.39 -13.32
C TRP A 548 -4.02 9.27 -14.83
N THR A 549 -4.77 10.12 -15.53
CA THR A 549 -4.81 10.04 -16.98
C THR A 549 -3.47 10.43 -17.59
N LEU A 550 -2.80 11.43 -16.99
CA LEU A 550 -1.47 11.81 -17.44
C LEU A 550 -0.44 10.78 -17.00
N ALA A 551 -0.53 10.33 -15.75
CA ALA A 551 0.42 9.35 -15.24
C ALA A 551 0.44 8.11 -16.12
N LEU A 552 -0.73 7.67 -16.59
CA LEU A 552 -0.81 6.54 -17.51
C LEU A 552 -0.16 6.87 -18.84
N GLU A 553 -0.48 8.04 -19.41
CA GLU A 553 0.04 8.43 -20.72
C GLU A 553 1.55 8.59 -20.70
N ARG A 554 2.16 8.65 -19.53
CA ARG A 554 3.60 8.84 -19.45
C ARG A 554 4.38 7.52 -19.43
N ILE A 555 3.78 6.41 -18.99
CA ILE A 555 4.41 5.10 -19.11
C ILE A 555 4.01 4.47 -20.44
N VAL A 556 2.72 4.13 -20.57
CA VAL A 556 2.14 3.58 -21.79
C VAL A 556 1.74 4.74 -22.70
N GLY A 557 1.26 4.45 -23.91
CA GLY A 557 0.93 5.55 -24.80
C GLY A 557 -0.40 6.24 -24.53
N VAL A 558 -1.41 5.48 -24.09
CA VAL A 558 -2.81 5.90 -24.00
C VAL A 558 -3.07 6.66 -22.69
N LYS A 559 -4.27 7.26 -22.57
CA LYS A 559 -4.68 7.98 -21.37
C LYS A 559 -5.95 7.38 -20.75
N ASN A 560 -6.15 6.08 -20.92
CA ASN A 560 -7.35 5.40 -20.43
C ASN A 560 -7.18 3.89 -20.58
N MET A 561 -7.96 3.15 -19.79
CA MET A 561 -8.00 1.69 -19.91
C MET A 561 -8.08 1.26 -21.36
N ASP A 562 -7.14 0.41 -21.75
CA ASP A 562 -7.14 -0.30 -23.01
C ASP A 562 -7.14 -1.78 -22.70
N VAL A 563 -8.05 -2.52 -23.33
CA VAL A 563 -8.12 -3.95 -23.08
C VAL A 563 -7.33 -4.75 -24.11
N ARG A 564 -6.76 -4.07 -25.11
CA ARG A 564 -6.04 -4.76 -26.19
C ARG A 564 -4.84 -5.56 -25.69
N PRO A 565 -3.97 -5.02 -24.80
CA PRO A 565 -2.85 -5.85 -24.30
C PRO A 565 -3.29 -7.09 -23.56
N LEU A 566 -4.36 -6.99 -22.76
CA LEU A 566 -4.88 -8.17 -22.08
C LEU A 566 -5.30 -9.23 -23.08
N LEU A 567 -5.96 -8.83 -24.17
CA LEU A 567 -6.42 -9.81 -25.14
C LEU A 567 -5.27 -10.41 -25.94
N ASN A 568 -4.23 -9.63 -26.24
CA ASN A 568 -3.05 -10.19 -26.90
C ASN A 568 -2.37 -11.21 -26.00
N TYR A 569 -2.23 -10.87 -24.72
CA TYR A 569 -1.58 -11.77 -23.79
C TYR A 569 -2.24 -13.13 -23.80
N PHE A 570 -3.56 -13.17 -23.98
CA PHE A 570 -4.31 -14.43 -23.97
C PHE A 570 -4.73 -14.90 -25.35
N GLU A 571 -4.19 -14.31 -26.42
CA GLU A 571 -4.57 -14.72 -27.77
C GLU A 571 -4.28 -16.20 -28.07
N PRO A 572 -3.22 -16.83 -27.58
CA PRO A 572 -3.03 -18.26 -27.88
C PRO A 572 -3.96 -19.17 -27.09
N LEU A 573 -4.30 -18.82 -25.85
CA LEU A 573 -5.23 -19.64 -25.11
C LEU A 573 -6.63 -19.52 -25.68
N PHE A 574 -6.98 -18.32 -26.16
CA PHE A 574 -8.29 -18.07 -26.72
C PHE A 574 -8.53 -18.90 -27.99
N THR A 575 -7.57 -18.89 -28.93
CA THR A 575 -7.73 -19.72 -30.12
C THR A 575 -7.80 -21.19 -29.75
N TRP A 576 -6.91 -21.64 -28.85
CA TRP A 576 -6.98 -23.01 -28.34
C TRP A 576 -8.34 -23.31 -27.73
N LEU A 577 -8.84 -22.41 -26.87
CA LEU A 577 -10.13 -22.63 -26.21
C LEU A 577 -11.24 -22.83 -27.24
N LYS A 578 -11.25 -22.01 -28.31
CA LYS A 578 -12.34 -22.10 -29.28
C LYS A 578 -12.40 -23.48 -29.88
N ASP A 579 -11.23 -24.09 -30.08
CA ASP A 579 -11.14 -25.40 -30.70
C ASP A 579 -11.62 -26.49 -29.75
N GLN A 580 -11.18 -26.43 -28.49
CA GLN A 580 -11.70 -27.37 -27.49
C GLN A 580 -13.21 -27.26 -27.34
N ASN A 581 -13.79 -26.11 -27.67
CA ASN A 581 -15.23 -25.89 -27.54
C ASN A 581 -15.93 -25.87 -28.89
N LYS A 582 -15.38 -26.55 -29.90
CA LYS A 582 -15.96 -26.44 -31.23
C LYS A 582 -17.26 -27.24 -31.36
N ASN A 583 -17.40 -28.35 -30.63
CA ASN A 583 -18.64 -29.12 -30.64
C ASN A 583 -19.37 -29.03 -29.31
N SER A 584 -19.09 -27.98 -28.52
CA SER A 584 -19.68 -27.79 -27.21
C SER A 584 -20.48 -26.49 -27.19
N PHE A 585 -21.29 -26.36 -26.14
CA PHE A 585 -22.11 -25.16 -25.97
C PHE A 585 -21.32 -24.13 -25.18
N VAL A 586 -21.22 -22.92 -25.73
CA VAL A 586 -20.53 -21.81 -25.08
C VAL A 586 -21.56 -20.81 -24.59
N GLY A 587 -21.55 -20.55 -23.28
CA GLY A 587 -22.56 -19.76 -22.62
C GLY A 587 -23.28 -20.59 -21.57
N TRP A 588 -24.31 -19.98 -20.98
CA TRP A 588 -25.01 -20.64 -19.89
C TRP A 588 -26.50 -20.29 -19.90
N SER A 589 -27.30 -21.23 -19.40
CA SER A 589 -28.69 -20.99 -19.08
C SER A 589 -28.79 -20.58 -17.63
N THR A 590 -29.56 -19.52 -17.36
CA THR A 590 -29.71 -19.07 -15.99
C THR A 590 -30.79 -19.82 -15.25
N ASN A 591 -31.54 -20.67 -15.96
CA ASN A 591 -32.71 -21.31 -15.37
C ASN A 591 -32.32 -22.46 -14.45
N TRP A 592 -31.37 -23.28 -14.84
CA TRP A 592 -31.04 -24.44 -14.05
C TRP A 592 -30.39 -24.06 -12.74
N SER A 593 -30.74 -24.77 -11.67
CA SER A 593 -30.05 -24.63 -10.40
C SER A 593 -29.89 -26.01 -9.78
N PRO A 594 -28.84 -26.21 -8.99
CA PRO A 594 -28.66 -27.50 -8.28
C PRO A 594 -29.85 -27.93 -7.44
N TYR A 595 -30.74 -27.02 -7.07
CA TYR A 595 -31.81 -27.39 -6.16
C TYR A 595 -33.19 -27.45 -6.82
N ALA A 596 -33.35 -26.88 -8.01
CA ALA A 596 -34.54 -27.15 -8.81
C ALA A 596 -34.49 -28.52 -9.48
N ASP A 597 -33.36 -29.21 -9.35
CA ASP A 597 -33.24 -30.62 -9.71
C ASP A 597 -33.84 -31.48 -8.59
N ASN B 1 47.58 16.70 28.84
CA ASN B 1 46.60 17.77 28.75
C ASN B 1 45.57 17.47 27.67
N LEU B 2 44.99 16.26 27.73
CA LEU B 2 44.21 15.74 26.62
C LEU B 2 42.91 16.51 26.40
N CYS B 3 42.51 16.62 25.15
CA CYS B 3 41.35 17.43 24.80
C CYS B 3 40.06 16.70 25.13
N PRO B 4 39.08 17.37 25.76
CA PRO B 4 37.86 16.72 26.28
C PRO B 4 36.78 16.55 25.22
N PHE B 5 37.07 15.72 24.21
CA PHE B 5 36.06 15.37 23.22
C PHE B 5 35.04 14.41 23.78
N GLY B 6 35.42 13.62 24.79
CA GLY B 6 34.47 12.69 25.39
C GLY B 6 33.31 13.37 26.12
N GLU B 7 33.52 14.60 26.60
CA GLU B 7 32.42 15.32 27.23
C GLU B 7 31.42 15.83 26.20
N VAL B 8 31.87 16.09 24.97
CA VAL B 8 30.95 16.53 23.93
C VAL B 8 30.23 15.34 23.32
N PHE B 9 31.00 14.35 22.86
CA PHE B 9 30.46 13.20 22.13
C PHE B 9 29.70 12.23 23.03
N ASN B 10 30.13 12.05 24.27
CA ASN B 10 29.49 11.10 25.18
C ASN B 10 28.57 11.77 26.21
N ALA B 11 28.15 13.02 25.95
CA ALA B 11 27.19 13.69 26.84
C ALA B 11 25.86 12.93 26.88
N THR B 12 25.28 12.86 28.08
CA THR B 12 23.99 12.19 28.23
C THR B 12 22.92 12.90 27.41
N LYS B 13 22.65 14.16 27.73
CA LYS B 13 21.65 14.95 27.02
C LYS B 13 22.26 15.73 25.86
N PHE B 14 21.55 15.74 24.74
CA PHE B 14 21.83 16.59 23.62
C PHE B 14 20.69 17.59 23.46
N PRO B 15 20.93 18.71 22.78
CA PRO B 15 19.87 19.70 22.62
C PRO B 15 19.18 19.62 21.27
N SER B 16 18.08 20.33 21.13
CA SER B 16 17.38 20.44 19.86
C SER B 16 18.18 21.32 18.89
N VAL B 17 17.92 21.15 17.59
CA VAL B 17 18.67 21.86 16.57
C VAL B 17 18.50 23.35 16.72
N TYR B 18 17.26 23.78 16.95
CA TYR B 18 17.02 25.22 16.93
C TYR B 18 17.75 25.87 18.09
N ALA B 19 17.99 25.11 19.15
CA ALA B 19 18.65 25.59 20.36
C ALA B 19 19.98 24.91 20.54
N TRP B 20 20.76 24.83 19.46
CA TRP B 20 21.99 24.07 19.46
C TRP B 20 23.01 24.71 20.40
N GLU B 21 23.84 23.87 21.01
CA GLU B 21 24.81 24.30 22.00
C GLU B 21 26.24 24.16 21.45
N ARG B 22 27.12 25.02 21.96
CA ARG B 22 28.49 25.15 21.48
C ARG B 22 29.46 25.14 22.65
N LYS B 23 30.46 24.25 22.60
CA LYS B 23 31.54 24.21 23.57
C LYS B 23 32.83 24.68 22.91
N LYS B 24 33.57 25.54 23.60
CA LYS B 24 34.85 26.05 23.10
C LYS B 24 35.96 25.17 23.65
N ILE B 25 36.76 24.62 22.74
CA ILE B 25 37.92 23.81 23.07
C ILE B 25 39.17 24.66 22.86
N SER B 26 40.05 24.71 23.86
CA SER B 26 41.29 25.46 23.71
C SER B 26 42.32 24.96 24.71
N ASN B 27 43.59 25.27 24.42
CA ASN B 27 44.77 24.91 25.23
C ASN B 27 44.76 23.44 25.64
N CYS B 28 44.89 22.58 24.64
CA CYS B 28 44.66 21.14 24.82
C CYS B 28 45.39 20.41 23.70
N VAL B 29 45.55 19.10 23.90
CA VAL B 29 46.11 18.22 22.88
C VAL B 29 44.96 17.39 22.32
N ALA B 30 44.77 17.48 21.00
CA ALA B 30 43.60 16.96 20.30
C ALA B 30 43.98 15.67 19.58
N ASP B 31 43.61 14.53 20.18
CA ASP B 31 43.87 13.22 19.57
C ASP B 31 42.59 12.77 18.87
N TYR B 32 42.53 12.99 17.56
CA TYR B 32 41.34 12.63 16.80
C TYR B 32 41.24 11.15 16.50
N SER B 33 42.18 10.32 16.97
CA SER B 33 42.10 8.87 16.72
C SER B 33 40.92 8.24 17.45
N VAL B 34 40.53 8.80 18.59
CA VAL B 34 39.32 8.35 19.29
C VAL B 34 38.11 8.49 18.38
N LEU B 35 38.15 9.42 17.43
CA LEU B 35 37.05 9.57 16.50
C LEU B 35 37.22 8.73 15.24
N TYR B 36 38.37 8.81 14.55
CA TYR B 36 38.36 8.32 13.16
C TYR B 36 38.52 6.81 13.05
N ASN B 37 39.13 6.12 14.03
CA ASN B 37 39.01 4.67 14.07
C ASN B 37 37.89 4.32 15.07
N SER B 38 36.66 4.35 14.57
CA SER B 38 35.46 3.96 15.29
C SER B 38 34.37 3.68 14.27
N THR B 39 33.49 2.76 14.65
CA THR B 39 32.55 2.07 13.74
C THR B 39 31.23 2.85 13.66
N PHE B 40 30.91 3.65 14.68
CA PHE B 40 29.49 4.03 14.92
C PHE B 40 29.08 5.26 14.12
N PHE B 41 30.04 6.03 13.63
CA PHE B 41 29.68 7.27 12.91
C PHE B 41 29.19 6.92 11.51
N SER B 42 27.90 7.15 11.25
CA SER B 42 27.35 7.05 9.91
C SER B 42 27.75 8.21 9.02
N THR B 43 28.23 9.31 9.60
CA THR B 43 28.61 10.48 8.83
C THR B 43 29.91 11.03 9.43
N PHE B 44 30.88 11.25 8.57
CA PHE B 44 32.17 11.73 9.03
C PHE B 44 32.79 12.46 7.85
N LYS B 45 32.26 13.64 7.55
CA LYS B 45 32.71 14.43 6.42
C LYS B 45 33.53 15.60 6.92
N CYS B 46 34.68 15.83 6.30
CA CYS B 46 35.53 16.96 6.64
C CYS B 46 35.58 17.92 5.46
N TYR B 47 35.82 19.18 5.76
CA TYR B 47 35.78 20.26 4.77
C TYR B 47 36.99 21.15 4.97
N GLY B 48 37.80 21.29 3.92
CA GLY B 48 39.01 22.08 3.98
C GLY B 48 40.09 21.45 4.81
N VAL B 49 40.04 20.13 5.00
CA VAL B 49 40.90 19.41 5.92
C VAL B 49 40.72 17.95 5.56
N SER B 50 41.70 17.12 5.88
CA SER B 50 41.63 15.71 5.58
C SER B 50 41.51 14.93 6.88
N ALA B 51 40.48 14.10 6.98
CA ALA B 51 40.27 13.32 8.20
C ALA B 51 41.56 12.62 8.64
N THR B 52 42.27 12.03 7.68
CA THR B 52 43.45 11.23 7.97
C THR B 52 44.60 12.04 8.56
N LYS B 53 44.64 13.35 8.28
CA LYS B 53 45.75 14.21 8.70
C LYS B 53 45.41 15.02 9.94
N LEU B 54 44.28 14.73 10.59
CA LEU B 54 43.80 15.58 11.68
C LEU B 54 44.82 15.70 12.79
N ASN B 55 45.61 14.66 13.04
CA ASN B 55 46.50 14.69 14.18
C ASN B 55 47.77 15.51 13.94
N ASP B 56 47.98 15.99 12.71
CA ASP B 56 49.13 16.80 12.34
C ASP B 56 48.83 18.29 12.34
N LEU B 57 47.56 18.66 12.47
CA LEU B 57 47.12 20.03 12.31
C LEU B 57 47.08 20.77 13.63
N CYS B 58 47.24 22.08 13.55
CA CYS B 58 47.20 22.98 14.68
C CYS B 58 46.20 24.09 14.42
N PHE B 59 45.53 24.57 15.47
CA PHE B 59 44.51 25.59 15.31
C PHE B 59 44.52 26.56 16.47
N SER B 60 43.85 27.70 16.26
CA SER B 60 43.71 28.70 17.32
C SER B 60 42.72 28.23 18.38
N ASN B 61 41.53 27.82 17.94
CA ASN B 61 40.53 27.18 18.80
C ASN B 61 39.73 26.20 17.94
N VAL B 62 39.15 25.21 18.60
CA VAL B 62 38.17 24.34 17.96
C VAL B 62 36.83 24.53 18.68
N TYR B 63 35.74 24.52 17.90
CA TYR B 63 34.39 24.72 18.42
C TYR B 63 33.55 23.50 18.09
N ALA B 64 32.87 22.97 19.11
CA ALA B 64 32.04 21.77 18.98
C ALA B 64 30.56 22.14 19.16
N ASP B 65 29.75 21.92 18.13
CA ASP B 65 28.31 22.18 18.19
C ASP B 65 27.55 20.86 18.22
N SER B 66 26.70 20.70 19.23
CA SER B 66 25.90 19.50 19.46
C SER B 66 24.44 19.81 19.18
N PHE B 67 23.73 18.83 18.59
CA PHE B 67 22.27 18.84 18.46
C PHE B 67 21.81 17.49 17.90
N VAL B 68 20.49 17.39 17.68
CA VAL B 68 19.88 16.15 17.21
C VAL B 68 18.98 16.46 16.02
N VAL B 69 19.04 15.63 14.97
CA VAL B 69 18.19 15.77 13.80
C VAL B 69 17.74 14.40 13.33
N LYS B 70 16.72 14.39 12.47
CA LYS B 70 16.34 13.20 11.72
C LYS B 70 17.48 12.73 10.83
N GLY B 71 17.49 11.43 10.52
CA GLY B 71 18.42 10.91 9.53
C GLY B 71 18.39 11.66 8.22
N ASP B 72 17.19 11.94 7.71
CA ASP B 72 17.09 12.65 6.43
C ASP B 72 17.53 14.10 6.48
N ASP B 73 17.78 14.67 7.67
CA ASP B 73 18.28 16.05 7.76
C ASP B 73 19.79 16.13 8.00
N VAL B 74 20.46 14.99 8.23
CA VAL B 74 21.91 15.08 8.41
C VAL B 74 22.56 15.60 7.15
N ARG B 75 21.96 15.37 5.99
CA ARG B 75 22.51 15.92 4.76
C ARG B 75 22.44 17.44 4.74
N GLN B 76 21.65 18.06 5.61
CA GLN B 76 21.63 19.52 5.62
C GLN B 76 22.74 20.13 6.47
N ILE B 77 23.43 19.35 7.31
CA ILE B 77 24.54 19.90 8.09
C ILE B 77 25.80 19.87 7.24
N ALA B 78 25.81 20.67 6.17
CA ALA B 78 26.95 20.70 5.26
C ALA B 78 26.97 22.04 4.53
N PRO B 79 28.14 22.54 4.14
CA PRO B 79 28.20 23.85 3.47
C PRO B 79 27.51 23.85 2.11
N GLY B 80 26.67 24.85 1.90
CA GLY B 80 25.95 25.02 0.66
C GLY B 80 24.55 24.46 0.63
N GLN B 81 24.04 23.91 1.73
CA GLN B 81 22.76 23.21 1.74
C GLN B 81 21.62 24.15 2.07
N THR B 82 20.39 23.69 1.75
CA THR B 82 19.16 24.41 2.04
C THR B 82 18.10 23.44 2.55
N GLY B 83 17.02 23.99 3.09
CA GLY B 83 16.02 23.24 3.79
C GLY B 83 15.77 23.80 5.17
N VAL B 84 14.85 23.18 5.90
CA VAL B 84 14.43 23.76 7.17
C VAL B 84 15.57 23.82 8.16
N ILE B 85 16.39 22.75 8.22
CA ILE B 85 17.48 22.75 9.19
C ILE B 85 18.56 23.75 8.79
N ALA B 86 18.92 23.76 7.51
CA ALA B 86 19.98 24.66 7.05
C ALA B 86 19.55 26.12 7.02
N ASP B 87 18.26 26.39 6.83
CA ASP B 87 17.77 27.75 6.68
C ASP B 87 17.36 28.36 8.02
N TYR B 88 16.64 27.59 8.84
CA TYR B 88 15.99 28.13 10.02
C TYR B 88 16.59 27.67 11.33
N ASN B 89 17.55 26.74 11.30
CA ASN B 89 18.07 26.18 12.54
C ASN B 89 19.59 26.29 12.64
N TYR B 90 20.32 25.66 11.72
CA TYR B 90 21.77 25.61 11.80
C TYR B 90 22.36 25.71 10.40
N LYS B 91 23.08 26.78 10.14
CA LYS B 91 23.63 27.09 8.81
C LYS B 91 25.13 27.11 8.88
N LEU B 92 25.78 26.26 8.07
CA LEU B 92 27.23 26.31 7.94
C LEU B 92 27.63 27.34 6.88
N PRO B 93 28.75 28.04 7.08
CA PRO B 93 29.23 28.96 6.04
C PRO B 93 29.82 28.17 4.87
N ASP B 94 29.96 28.85 3.73
CA ASP B 94 30.45 28.14 2.55
C ASP B 94 31.93 27.81 2.69
N ASP B 95 32.69 28.72 3.30
CA ASP B 95 34.10 28.53 3.61
C ASP B 95 34.30 27.76 4.91
N PHE B 96 33.36 26.86 5.23
CA PHE B 96 33.46 26.10 6.46
C PHE B 96 34.76 25.29 6.45
N MET B 97 35.44 25.26 7.59
CA MET B 97 36.60 24.40 7.80
C MET B 97 36.35 23.61 9.07
N GLY B 98 36.22 22.30 8.93
CA GLY B 98 35.97 21.43 10.07
C GLY B 98 35.30 20.15 9.61
N CYS B 99 34.84 19.38 10.60
CA CYS B 99 34.27 18.07 10.34
C CYS B 99 32.87 17.98 10.93
N VAL B 100 32.00 17.29 10.21
CA VAL B 100 30.65 16.96 10.67
C VAL B 100 30.62 15.48 11.01
N LEU B 101 30.21 15.13 12.22
CA LEU B 101 30.06 13.75 12.65
C LEU B 101 28.65 13.50 13.18
N ALA B 102 28.04 12.41 12.72
CA ALA B 102 26.72 12.02 13.19
C ALA B 102 26.67 10.51 13.37
N TRP B 103 25.81 10.06 14.30
CA TRP B 103 25.60 8.64 14.54
C TRP B 103 24.15 8.39 14.92
N ASN B 104 23.69 7.17 14.65
CA ASN B 104 22.31 6.79 14.89
C ASN B 104 22.06 6.58 16.37
N THR B 105 21.00 7.21 16.91
CA THR B 105 20.75 7.14 18.35
C THR B 105 19.36 6.60 18.69
N ARG B 106 18.76 5.79 17.82
CA ARG B 106 17.45 5.23 18.09
C ARG B 106 17.40 4.54 19.45
N ASN B 107 18.50 3.92 19.86
CA ASN B 107 18.52 3.26 21.16
C ASN B 107 18.37 4.24 22.31
N ILE B 108 18.84 5.46 22.16
CA ILE B 108 18.90 6.36 23.30
C ILE B 108 17.75 7.34 23.19
N ASP B 109 17.42 7.72 21.96
CA ASP B 109 16.61 8.89 21.68
C ASP B 109 15.24 8.61 21.09
N ALA B 110 14.86 7.36 20.91
CA ALA B 110 13.54 7.03 20.40
C ALA B 110 12.85 6.05 21.34
N THR B 111 11.54 6.04 21.32
CA THR B 111 10.73 5.24 22.23
C THR B 111 9.74 4.41 21.42
N SER B 112 9.20 3.40 22.10
CA SER B 112 8.02 2.70 21.60
C SER B 112 6.86 3.68 21.40
N THR B 113 6.53 4.44 22.43
CA THR B 113 5.37 5.31 22.35
C THR B 113 5.68 6.65 21.69
N GLY B 114 6.94 6.95 21.41
CA GLY B 114 7.23 8.21 20.74
C GLY B 114 7.84 9.26 21.65
N ASN B 115 9.02 9.74 21.27
CA ASN B 115 9.75 10.78 21.99
C ASN B 115 9.57 12.09 21.24
N TYR B 116 8.96 13.08 21.90
CA TYR B 116 8.72 14.40 21.31
C TYR B 116 9.56 15.51 21.95
N ASN B 117 10.67 15.18 22.61
CA ASN B 117 11.41 16.22 23.32
C ASN B 117 12.27 17.10 22.41
N TYR B 118 12.73 16.59 21.26
CA TYR B 118 13.58 17.36 20.35
C TYR B 118 12.73 18.15 19.37
N LYS B 119 13.01 19.45 19.23
CA LYS B 119 12.22 20.28 18.33
C LYS B 119 13.11 20.86 17.24
N TYR B 120 12.49 21.43 16.21
CA TYR B 120 13.18 22.20 15.17
C TYR B 120 12.22 23.26 14.67
N ARG B 121 12.79 24.36 14.17
CA ARG B 121 11.99 25.48 13.69
C ARG B 121 11.69 25.27 12.21
N TYR B 122 10.42 25.38 11.83
CA TYR B 122 10.05 25.18 10.44
C TYR B 122 9.42 26.40 9.79
N LEU B 123 9.12 27.46 10.55
CA LEU B 123 8.64 28.72 10.00
C LEU B 123 9.56 29.85 10.45
N ARG B 124 10.04 30.65 9.49
CA ARG B 124 10.81 31.85 9.85
C ARG B 124 10.78 32.85 8.71
N HIS B 125 10.75 34.14 9.06
CA HIS B 125 10.95 35.22 8.09
C HIS B 125 12.44 35.34 7.76
N GLY B 126 12.84 34.81 6.61
CA GLY B 126 14.23 34.96 6.24
C GLY B 126 15.10 33.87 6.80
N LYS B 127 16.18 33.56 6.07
CA LYS B 127 17.09 32.50 6.44
C LYS B 127 18.10 32.99 7.47
N LEU B 128 18.75 32.03 8.14
CA LEU B 128 19.82 32.32 9.10
C LEU B 128 21.14 32.59 8.39
N ARG B 129 21.89 33.53 8.93
CA ARG B 129 23.27 33.74 8.58
C ARG B 129 24.09 32.65 9.26
N PRO B 130 25.26 32.31 8.74
CA PRO B 130 25.98 31.14 9.27
C PRO B 130 26.29 31.28 10.77
N PHE B 131 26.13 30.16 11.49
CA PHE B 131 26.44 30.04 12.91
C PHE B 131 25.56 30.93 13.80
N GLU B 132 24.53 31.55 13.24
CA GLU B 132 23.49 32.27 13.96
C GLU B 132 22.51 31.30 14.60
N ARG B 133 21.80 31.80 15.61
CA ARG B 133 20.93 30.99 16.45
C ARG B 133 19.69 31.82 16.78
N ASP B 134 18.53 31.17 16.74
CA ASP B 134 17.24 31.82 17.00
C ASP B 134 16.48 30.92 17.97
N ILE B 135 16.43 31.31 19.23
CA ILE B 135 15.66 30.58 20.21
C ILE B 135 14.37 31.30 20.57
N SER B 136 13.99 32.33 19.81
CA SER B 136 12.72 32.98 20.05
C SER B 136 11.57 32.03 19.74
N ASN B 137 10.51 32.14 20.52
CA ASN B 137 9.32 31.33 20.41
C ASN B 137 8.11 32.23 20.28
N VAL B 138 7.99 32.88 19.13
CA VAL B 138 6.95 33.87 18.86
C VAL B 138 6.05 33.32 17.75
N PRO B 139 4.73 33.39 17.87
CA PRO B 139 3.86 32.83 16.82
C PRO B 139 4.13 33.51 15.49
N PHE B 140 4.08 32.70 14.43
CA PHE B 140 4.48 33.12 13.09
C PHE B 140 3.24 33.42 12.24
N SER B 141 3.31 34.50 11.47
CA SER B 141 2.24 34.90 10.54
C SER B 141 2.89 35.30 9.22
N PRO B 142 2.37 34.81 8.07
CA PRO B 142 3.02 35.13 6.79
C PRO B 142 3.03 36.61 6.45
N ASP B 143 1.95 37.35 6.74
CA ASP B 143 1.96 38.82 6.59
C ASP B 143 2.99 39.49 7.50
N GLY B 144 3.43 38.83 8.55
CA GLY B 144 4.40 39.39 9.47
C GLY B 144 3.80 40.15 10.63
N LYS B 145 2.48 40.26 10.72
CA LYS B 145 1.87 40.94 11.85
C LYS B 145 2.00 40.06 13.10
N PRO B 146 1.98 40.67 14.28
CA PRO B 146 1.77 39.88 15.50
C PRO B 146 0.35 39.33 15.53
N CYS B 147 0.24 38.03 15.78
CA CYS B 147 -1.06 37.40 15.90
C CYS B 147 -1.04 36.48 17.11
N THR B 148 -2.22 36.02 17.50
CA THR B 148 -2.34 35.04 18.58
C THR B 148 -3.17 33.88 18.06
N PRO B 149 -2.59 32.69 17.93
CA PRO B 149 -3.45 31.53 17.68
C PRO B 149 -4.46 31.40 18.77
N PRO B 150 -5.64 30.84 18.48
CA PRO B 150 -6.01 30.01 17.32
C PRO B 150 -6.33 30.72 16.00
N ALA B 151 -6.23 32.06 15.95
CA ALA B 151 -6.59 32.81 14.74
C ALA B 151 -6.04 32.19 13.47
N LEU B 152 -6.65 32.54 12.34
CA LEU B 152 -6.29 31.95 11.05
C LEU B 152 -5.00 32.55 10.50
N ASN B 153 -4.22 31.70 9.82
CA ASN B 153 -2.95 32.11 9.20
C ASN B 153 -1.90 32.48 10.24
N CYS B 154 -1.88 31.75 11.35
CA CYS B 154 -1.10 32.09 12.53
C CYS B 154 -0.63 30.80 13.16
N TYR B 155 0.67 30.62 13.34
CA TYR B 155 1.18 29.30 13.69
C TYR B 155 2.37 29.41 14.63
N TRP B 156 2.44 28.45 15.56
CA TRP B 156 3.65 28.25 16.36
C TRP B 156 4.78 27.79 15.45
N PRO B 157 5.99 28.38 15.56
CA PRO B 157 7.07 28.08 14.60
C PRO B 157 7.95 26.88 14.92
N LEU B 158 7.86 26.30 16.10
CA LEU B 158 8.64 25.12 16.42
C LEU B 158 7.79 23.87 16.29
N ASN B 159 8.30 22.87 15.57
CA ASN B 159 7.71 21.55 15.44
C ASN B 159 8.46 20.56 16.29
N ASP B 160 7.73 19.61 16.84
CA ASP B 160 8.36 18.47 17.46
C ASP B 160 8.78 17.47 16.39
N TYR B 161 9.99 16.95 16.53
CA TYR B 161 10.34 15.69 15.92
C TYR B 161 9.61 14.58 16.66
N GLY B 162 9.17 13.56 15.91
CA GLY B 162 8.54 12.39 16.51
C GLY B 162 9.38 11.14 16.31
N PHE B 163 10.10 10.73 17.34
CA PHE B 163 11.10 9.69 17.21
C PHE B 163 10.58 8.38 17.77
N TYR B 164 10.24 7.44 16.90
CA TYR B 164 9.74 6.13 17.30
C TYR B 164 10.79 5.08 16.99
N THR B 165 10.80 4.03 17.81
CA THR B 165 11.81 2.98 17.62
C THR B 165 11.58 2.16 16.33
N THR B 166 10.39 2.19 15.75
CA THR B 166 10.06 1.38 14.59
C THR B 166 10.15 2.13 13.26
N THR B 167 10.61 3.38 13.24
CA THR B 167 10.52 4.16 11.99
C THR B 167 11.62 3.79 11.00
N GLY B 168 11.45 4.28 9.76
CA GLY B 168 12.51 4.17 8.78
C GLY B 168 13.73 4.98 9.16
N ILE B 169 14.86 4.62 8.56
CA ILE B 169 16.13 5.16 9.02
C ILE B 169 16.19 6.69 8.82
N GLY B 170 15.62 7.20 7.75
CA GLY B 170 15.65 8.64 7.55
C GLY B 170 14.84 9.43 8.57
N TYR B 171 14.08 8.74 9.42
CA TYR B 171 13.28 9.34 10.48
C TYR B 171 13.80 8.98 11.86
N GLN B 172 14.88 8.30 11.92
CA GLN B 172 15.44 7.95 13.21
C GLN B 172 16.31 9.09 13.73
N PRO B 173 16.40 9.25 15.05
CA PRO B 173 17.22 10.32 15.60
C PRO B 173 18.71 10.11 15.34
N TYR B 174 19.39 11.20 15.05
CA TYR B 174 20.85 11.22 14.90
C TYR B 174 21.40 12.35 15.77
N ARG B 175 22.40 12.02 16.59
CA ARG B 175 23.19 13.04 17.27
C ARG B 175 24.28 13.53 16.31
N VAL B 176 24.51 14.84 16.32
CA VAL B 176 25.44 15.50 15.42
C VAL B 176 26.39 16.36 16.24
N VAL B 177 27.69 16.20 16.01
CA VAL B 177 28.69 17.12 16.53
C VAL B 177 29.42 17.74 15.34
N VAL B 178 29.47 19.07 15.30
CA VAL B 178 30.15 19.82 14.24
C VAL B 178 31.36 20.47 14.89
N LEU B 179 32.54 19.99 14.51
CA LEU B 179 33.80 20.58 14.95
C LEU B 179 34.21 21.63 13.94
N SER B 180 34.26 22.88 14.38
CA SER B 180 34.82 23.97 13.58
C SER B 180 36.28 24.17 13.98
N PHE B 181 37.16 24.31 12.99
CA PHE B 181 38.58 24.59 13.24
C PHE B 181 38.86 26.04 12.88
N GLU B 182 39.49 26.77 13.80
CA GLU B 182 39.64 28.21 13.69
C GLU B 182 41.10 28.58 13.50
N LEU B 183 41.39 29.32 12.43
CA LEU B 183 42.72 29.79 12.08
C LEU B 183 42.73 31.30 12.23
N LEU B 184 43.25 31.77 13.36
CA LEU B 184 43.46 33.18 13.63
C LEU B 184 44.94 33.51 13.54
N ASN B 185 45.23 34.78 13.27
CA ASN B 185 46.58 35.24 13.39
C ASN B 185 47.13 35.18 14.83
N ALA B 186 46.47 34.51 15.75
CA ALA B 186 46.97 34.33 17.11
C ALA B 186 47.86 33.08 17.15
N PRO B 187 48.58 32.84 18.24
CA PRO B 187 49.23 31.54 18.41
C PRO B 187 48.22 30.40 18.41
N ALA B 188 48.74 29.19 18.27
CA ALA B 188 47.91 27.99 18.26
C ALA B 188 47.76 27.44 19.68
N THR B 189 46.56 26.92 19.99
CA THR B 189 46.29 26.30 21.28
C THR B 189 45.79 24.86 21.22
N VAL B 190 45.38 24.36 20.05
CA VAL B 190 44.90 23.00 19.90
C VAL B 190 45.74 22.31 18.83
N CYS B 191 46.37 21.20 19.20
CA CYS B 191 47.33 20.52 18.30
C CYS B 191 47.26 19.01 18.51
N GLY B 192 48.10 18.28 17.77
CA GLY B 192 48.08 16.82 17.78
C GLY B 192 49.16 16.11 18.58
#